data_6KXL
#
_entry.id   6KXL
#
_cell.length_a   68.982
_cell.length_b   82.502
_cell.length_c   131.818
_cell.angle_alpha   90.000
_cell.angle_beta   90.000
_cell.angle_gamma   90.000
#
_symmetry.space_group_name_H-M   'P 21 21 21'
#
loop_
_entity.id
_entity.type
_entity.pdbx_description
1 polymer 'Family 18 chitinase'
2 branched 2-acetamido-2-deoxy-beta-D-glucopyranose-(1-4)-2-acetamido-2-deoxy-beta-D-glucopyranose
3 non-polymer 'ACETATE ION'
4 non-polymer 2-METHOXYETHANOL
5 non-polymer 'MALONATE ION'
6 non-polymer 'TRIETHYLENE GLYCOL'
7 non-polymer 1,2-ETHANEDIOL
8 non-polymer 2-acetamido-2-deoxy-beta-D-glucopyranose
9 non-polymer 'TETRAETHYLENE GLYCOL'
10 water water
#
_entity_poly.entity_id   1
_entity_poly.type   'polypeptide(L)'
_entity_poly.pdbx_seq_one_letter_code
;GGSGGSYRVVAYYISWGAYGRSYFPSDIDYSKVTHINYAFANIKDGEVVVGDPGVDDGGKNNFTALRKAKKAHPHLRNLI
SVGGWSWSSGFSDAAATPEARKRFADSAVAFIRKYGFDGVDIDWEYPVEGGAENMKHRPEDKQNYTLLTRSLREALDTAG
KADGKYYELTTAVWGNDKFIANTEMDKVSRDFDFINVMSYDFNGTWNKFSGHNAPFVNDPAYDKPGIGKTFNVVSAVEAY
LKAGVPADKLVVGVPLYGYSWKGCAAGERNGEYQDCNGKGRGTWEDGNLDFTDIEKNLLNKKGFKRYWNDTAKAAYLYNA
ETGEFVTYEDPQALKIKLDYIKSKGLGGAMYWEITADRKQTLVNLIADELLT
;
_entity_poly.pdbx_strand_id   A,B
#
# COMPACT_ATOMS: atom_id res chain seq x y z
N GLY A 5 -31.73 -11.52 22.50
CA GLY A 5 -31.98 -10.13 22.01
C GLY A 5 -32.39 -10.11 20.54
N SER A 6 -32.80 -8.95 20.04
CA SER A 6 -33.42 -8.77 18.71
C SER A 6 -32.37 -8.51 17.63
N TYR A 7 -31.10 -8.26 18.00
CA TYR A 7 -30.11 -7.71 17.05
C TYR A 7 -28.85 -8.56 16.98
N ARG A 8 -28.39 -8.72 15.74
CA ARG A 8 -27.08 -9.32 15.40
C ARG A 8 -26.00 -8.25 15.42
N VAL A 9 -24.78 -8.68 15.75
CA VAL A 9 -23.57 -7.86 15.57
C VAL A 9 -22.56 -8.74 14.84
N VAL A 10 -22.37 -8.44 13.56
CA VAL A 10 -21.62 -9.30 12.62
C VAL A 10 -20.28 -8.63 12.33
N ALA A 11 -19.22 -9.15 12.94
CA ALA A 11 -17.87 -8.58 12.81
C ALA A 11 -17.10 -9.36 11.75
N TYR A 12 -16.60 -8.69 10.72
CA TYR A 12 -15.58 -9.29 9.84
C TYR A 12 -14.23 -9.36 10.56
N TYR A 13 -13.62 -10.54 10.50
CA TYR A 13 -12.20 -10.74 10.84
C TYR A 13 -11.45 -11.06 9.55
N ILE A 14 -10.38 -10.32 9.31
CA ILE A 14 -9.53 -10.49 8.10
C ILE A 14 -8.43 -11.50 8.40
N SER A 15 -8.31 -12.54 7.59
CA SER A 15 -7.28 -13.58 7.79
C SER A 15 -5.90 -12.93 7.89
N TRP A 16 -5.65 -11.90 7.08
CA TRP A 16 -4.33 -11.23 7.02
C TRP A 16 -4.10 -10.33 8.26
N GLY A 17 -5.06 -10.24 9.17
CA GLY A 17 -4.78 -9.69 10.51
C GLY A 17 -3.62 -10.40 11.18
N ALA A 18 -3.43 -11.69 10.85
CA ALA A 18 -2.40 -12.53 11.48
C ALA A 18 -0.99 -12.25 10.93
N TYR A 19 -0.82 -11.31 10.00
CA TYR A 19 0.51 -10.87 9.51
C TYR A 19 0.94 -9.63 10.32
N GLY A 20 1.30 -8.53 9.65
CA GLY A 20 1.91 -7.37 10.33
C GLY A 20 1.01 -6.75 11.39
N ARG A 21 -0.31 -6.82 11.20
CA ARG A 21 -1.28 -6.28 12.20
C ARG A 21 -1.13 -7.02 13.53
N SER A 22 -0.71 -8.29 13.48
CA SER A 22 -0.54 -9.13 14.70
C SER A 22 -1.84 -9.10 15.51
N TYR A 23 -2.98 -9.22 14.83
CA TYR A 23 -4.31 -9.28 15.47
C TYR A 23 -4.93 -10.60 15.05
N PHE A 24 -5.06 -11.49 16.02
CA PHE A 24 -5.48 -12.90 15.84
C PHE A 24 -6.88 -13.08 16.41
N PRO A 25 -7.57 -14.19 16.10
CA PRO A 25 -8.89 -14.42 16.68
C PRO A 25 -8.86 -14.37 18.22
N SER A 26 -7.73 -14.69 18.86
CA SER A 26 -7.60 -14.64 20.34
CA SER A 26 -7.60 -14.65 20.34
C SER A 26 -7.78 -13.21 20.85
N ASP A 27 -7.56 -12.21 20.00
CA ASP A 27 -7.64 -10.77 20.39
C ASP A 27 -9.07 -10.26 20.34
N ILE A 28 -9.99 -10.99 19.73
CA ILE A 28 -11.40 -10.57 19.60
C ILE A 28 -12.08 -10.64 20.97
N ASP A 29 -12.87 -9.62 21.29
CA ASP A 29 -13.76 -9.63 22.47
C ASP A 29 -15.10 -10.23 22.04
N TYR A 30 -15.27 -11.52 22.24
CA TYR A 30 -16.44 -12.28 21.72
C TYR A 30 -17.73 -11.83 22.43
N SER A 31 -17.62 -11.17 23.57
CA SER A 31 -18.79 -10.60 24.27
C SER A 31 -19.43 -9.48 23.43
N LYS A 32 -18.71 -8.94 22.45
CA LYS A 32 -19.15 -7.74 21.71
C LYS A 32 -19.79 -8.11 20.37
N VAL A 33 -19.91 -9.40 20.05
CA VAL A 33 -20.42 -9.84 18.71
C VAL A 33 -21.44 -10.96 18.88
N THR A 34 -22.25 -11.20 17.86
CA THR A 34 -23.02 -12.45 17.74
C THR A 34 -22.38 -13.36 16.69
N HIS A 35 -21.74 -12.78 15.69
CA HIS A 35 -21.18 -13.53 14.53
C HIS A 35 -19.80 -12.99 14.19
N ILE A 36 -18.91 -13.89 13.78
CA ILE A 36 -17.67 -13.53 13.05
C ILE A 36 -17.82 -14.01 11.62
N ASN A 37 -17.63 -13.10 10.66
CA ASN A 37 -17.45 -13.47 9.24
C ASN A 37 -15.95 -13.54 8.97
N TYR A 38 -15.46 -14.70 8.56
CA TYR A 38 -14.02 -14.87 8.29
C TYR A 38 -13.74 -14.53 6.81
N ALA A 39 -12.98 -13.46 6.59
CA ALA A 39 -12.60 -13.03 5.23
C ALA A 39 -11.20 -13.56 4.90
N PHE A 40 -11.04 -14.43 3.90
CA PHE A 40 -12.03 -14.95 2.97
C PHE A 40 -11.65 -16.39 2.60
N ALA A 41 -12.62 -17.15 2.09
CA ALA A 41 -12.35 -18.34 1.26
C ALA A 41 -12.37 -17.90 -0.21
N ASN A 42 -11.60 -18.60 -1.02
CA ASN A 42 -11.51 -18.35 -2.48
C ASN A 42 -12.40 -19.37 -3.20
N ILE A 43 -12.50 -19.22 -4.52
CA ILE A 43 -13.13 -20.21 -5.41
C ILE A 43 -12.05 -20.70 -6.37
N LYS A 44 -11.84 -22.01 -6.43
CA LYS A 44 -10.90 -22.63 -7.41
C LYS A 44 -11.60 -23.80 -8.07
N ASP A 45 -11.61 -23.84 -9.40
CA ASP A 45 -12.24 -24.93 -10.19
C ASP A 45 -13.67 -25.16 -9.67
N GLY A 46 -14.40 -24.07 -9.39
CA GLY A 46 -15.83 -24.15 -9.06
C GLY A 46 -16.10 -24.56 -7.62
N GLU A 47 -15.07 -24.58 -6.76
CA GLU A 47 -15.21 -25.03 -5.36
C GLU A 47 -14.72 -23.96 -4.39
N VAL A 48 -15.37 -23.89 -3.23
CA VAL A 48 -14.89 -23.11 -2.07
C VAL A 48 -13.56 -23.73 -1.61
N VAL A 49 -12.51 -22.93 -1.51
CA VAL A 49 -11.18 -23.43 -1.07
C VAL A 49 -10.59 -22.48 -0.03
N VAL A 50 -9.64 -23.00 0.74
CA VAL A 50 -8.88 -22.19 1.73
C VAL A 50 -8.23 -21.02 0.97
N GLY A 51 -8.44 -19.81 1.47
CA GLY A 51 -7.89 -18.58 0.86
C GLY A 51 -6.39 -18.48 1.07
N ASP A 52 -5.91 -18.76 2.28
CA ASP A 52 -4.49 -18.52 2.64
C ASP A 52 -4.02 -19.59 3.62
N PRO A 53 -3.38 -20.66 3.11
CA PRO A 53 -2.89 -21.73 3.99
C PRO A 53 -1.82 -21.31 5.02
N GLY A 54 -1.23 -20.12 4.86
CA GLY A 54 -0.25 -19.61 5.83
C GLY A 54 -0.88 -19.16 7.14
N VAL A 55 -2.17 -18.84 7.13
CA VAL A 55 -2.84 -18.34 8.38
C VAL A 55 -4.21 -19.01 8.62
N ASP A 56 -4.79 -19.70 7.65
CA ASP A 56 -6.19 -20.21 7.79
C ASP A 56 -6.19 -21.58 8.46
N ASP A 57 -5.90 -22.63 7.70
CA ASP A 57 -5.93 -24.03 8.17
C ASP A 57 -4.54 -24.51 8.59
N GLY A 58 -3.54 -23.64 8.51
CA GLY A 58 -2.14 -23.95 8.87
C GLY A 58 -1.41 -22.71 9.31
N GLY A 59 -0.11 -22.83 9.54
CA GLY A 59 0.73 -21.69 9.94
C GLY A 59 0.23 -21.06 11.23
N LYS A 60 -0.30 -19.83 11.18
CA LYS A 60 -0.82 -19.17 12.41
C LYS A 60 -2.13 -19.83 12.86
N ASN A 61 -2.78 -20.62 12.01
CA ASN A 61 -3.92 -21.50 12.43
C ASN A 61 -5.07 -20.65 13.00
N ASN A 62 -5.53 -19.67 12.24
CA ASN A 62 -6.71 -18.86 12.66
C ASN A 62 -7.94 -19.75 12.83
N PHE A 63 -8.11 -20.78 12.00
CA PHE A 63 -9.31 -21.66 12.13
C PHE A 63 -9.31 -22.35 13.49
N THR A 64 -8.17 -22.90 13.93
CA THR A 64 -8.04 -23.49 15.29
C THR A 64 -8.47 -22.46 16.32
N ALA A 65 -8.02 -21.21 16.17
CA ALA A 65 -8.31 -20.15 17.16
C ALA A 65 -9.82 -19.86 17.20
N LEU A 66 -10.48 -19.84 16.05
CA LEU A 66 -11.96 -19.60 16.00
C LEU A 66 -12.71 -20.76 16.67
N ARG A 67 -12.25 -22.00 16.51
CA ARG A 67 -12.89 -23.16 17.17
C ARG A 67 -12.70 -23.06 18.69
N LYS A 68 -11.51 -22.63 19.14
CA LYS A 68 -11.22 -22.38 20.58
C LYS A 68 -12.23 -21.35 21.10
N ALA A 69 -12.45 -20.29 20.34
CA ALA A 69 -13.41 -19.23 20.74
C ALA A 69 -14.82 -19.82 20.84
N LYS A 70 -15.22 -20.66 19.89
CA LYS A 70 -16.58 -21.28 19.91
C LYS A 70 -16.75 -22.12 21.19
N LYS A 71 -15.71 -22.83 21.61
CA LYS A 71 -15.79 -23.71 22.82
C LYS A 71 -15.95 -22.83 24.05
N ALA A 72 -15.24 -21.70 24.12
CA ALA A 72 -15.28 -20.77 25.28
C ALA A 72 -16.58 -19.94 25.26
N HIS A 73 -17.16 -19.73 24.07
CA HIS A 73 -18.33 -18.81 23.88
C HIS A 73 -19.42 -19.53 23.08
N PRO A 74 -20.24 -20.38 23.72
CA PRO A 74 -21.21 -21.19 22.99
C PRO A 74 -22.23 -20.39 22.17
N HIS A 75 -22.46 -19.11 22.52
CA HIS A 75 -23.37 -18.17 21.79
C HIS A 75 -22.85 -17.94 20.37
N LEU A 76 -21.54 -17.97 20.20
CA LEU A 76 -20.86 -17.44 18.98
C LEU A 76 -21.23 -18.30 17.77
N ARG A 77 -21.41 -17.63 16.64
CA ARG A 77 -21.52 -18.30 15.32
C ARG A 77 -20.45 -17.73 14.42
N ASN A 78 -19.66 -18.61 13.82
CA ASN A 78 -18.59 -18.22 12.87
C ASN A 78 -19.01 -18.64 11.47
N LEU A 79 -18.96 -17.71 10.52
CA LEU A 79 -19.33 -17.97 9.10
C LEU A 79 -18.09 -17.77 8.23
N ILE A 80 -17.92 -18.62 7.21
CA ILE A 80 -16.86 -18.40 6.21
C ILE A 80 -17.40 -17.46 5.13
N SER A 81 -16.72 -16.33 4.91
CA SER A 81 -17.07 -15.41 3.80
C SER A 81 -16.35 -15.86 2.54
N VAL A 82 -17.12 -16.19 1.51
CA VAL A 82 -16.57 -16.66 0.22
C VAL A 82 -16.53 -15.48 -0.75
N GLY A 83 -15.36 -15.24 -1.35
CA GLY A 83 -15.18 -14.29 -2.45
C GLY A 83 -14.70 -12.94 -1.96
N GLY A 84 -15.57 -11.95 -1.95
CA GLY A 84 -15.20 -10.56 -1.67
C GLY A 84 -14.78 -9.85 -2.94
N TRP A 85 -14.27 -8.64 -2.81
CA TRP A 85 -13.94 -7.78 -3.96
C TRP A 85 -12.97 -8.48 -4.92
N SER A 86 -11.90 -9.06 -4.40
CA SER A 86 -10.77 -9.54 -5.23
C SER A 86 -11.03 -10.95 -5.77
N TRP A 87 -11.89 -11.72 -5.11
CA TRP A 87 -12.03 -13.18 -5.36
C TRP A 87 -13.46 -13.54 -5.76
N SER A 88 -14.13 -12.68 -6.54
CA SER A 88 -15.52 -12.94 -6.97
C SER A 88 -15.57 -13.52 -8.40
N SER A 89 -14.42 -13.66 -9.08
CA SER A 89 -14.40 -13.98 -10.52
C SER A 89 -14.96 -15.37 -10.80
N GLY A 90 -15.02 -16.27 -9.81
CA GLY A 90 -15.54 -17.64 -10.00
C GLY A 90 -17.04 -17.78 -9.83
N PHE A 91 -17.75 -16.78 -9.30
CA PHE A 91 -19.18 -16.96 -8.96
C PHE A 91 -20.04 -17.20 -10.20
N SER A 92 -19.84 -16.42 -11.27
CA SER A 92 -20.73 -16.47 -12.45
C SER A 92 -20.77 -17.90 -13.01
N ASP A 93 -19.60 -18.51 -13.15
CA ASP A 93 -19.47 -19.93 -13.61
C ASP A 93 -20.12 -20.87 -12.60
N ALA A 94 -19.82 -20.69 -11.30
CA ALA A 94 -20.33 -21.60 -10.25
C ALA A 94 -21.86 -21.59 -10.23
N ALA A 95 -22.46 -20.46 -10.56
CA ALA A 95 -23.92 -20.29 -10.47
C ALA A 95 -24.66 -20.68 -11.77
N ALA A 96 -23.95 -20.93 -12.87
CA ALA A 96 -24.53 -20.87 -14.23
C ALA A 96 -25.27 -22.17 -14.63
N THR A 97 -24.97 -23.30 -14.01
CA THR A 97 -25.60 -24.62 -14.33
C THR A 97 -25.93 -25.35 -13.05
N PRO A 98 -26.93 -26.26 -13.07
CA PRO A 98 -27.24 -27.05 -11.89
C PRO A 98 -26.02 -27.88 -11.43
N GLU A 99 -25.22 -28.38 -12.36
CA GLU A 99 -24.03 -29.21 -12.01
C GLU A 99 -23.01 -28.33 -11.28
N ALA A 100 -22.77 -27.12 -11.77
CA ALA A 100 -21.79 -26.21 -11.14
C ALA A 100 -22.32 -25.78 -9.76
N ARG A 101 -23.62 -25.53 -9.65
CA ARG A 101 -24.20 -25.08 -8.36
C ARG A 101 -24.06 -26.18 -7.31
N LYS A 102 -24.32 -27.43 -7.69
CA LYS A 102 -24.19 -28.57 -6.74
C LYS A 102 -22.72 -28.75 -6.33
N ARG A 103 -21.81 -28.67 -7.29
CA ARG A 103 -20.36 -28.79 -7.02
C ARG A 103 -19.95 -27.70 -6.01
N PHE A 104 -20.38 -26.47 -6.26
CA PHE A 104 -20.07 -25.34 -5.36
C PHE A 104 -20.68 -25.58 -3.97
N ALA A 105 -21.98 -25.88 -3.93
CA ALA A 105 -22.69 -26.04 -2.63
C ALA A 105 -22.07 -27.18 -1.83
N ASP A 106 -21.77 -28.29 -2.49
CA ASP A 106 -21.17 -29.46 -1.79
C ASP A 106 -19.80 -29.08 -1.25
N SER A 107 -19.02 -28.26 -1.98
CA SER A 107 -17.68 -27.84 -1.52
C SER A 107 -17.83 -26.92 -0.29
N ALA A 108 -18.90 -26.14 -0.23
CA ALA A 108 -19.13 -25.20 0.89
C ALA A 108 -19.46 -26.00 2.15
N VAL A 109 -20.32 -27.01 2.02
CA VAL A 109 -20.66 -27.94 3.15
C VAL A 109 -19.37 -28.64 3.62
N ALA A 110 -18.56 -29.12 2.70
CA ALA A 110 -17.32 -29.86 3.05
C ALA A 110 -16.40 -28.93 3.85
N PHE A 111 -16.29 -27.69 3.41
CA PHE A 111 -15.41 -26.67 4.03
C PHE A 111 -15.87 -26.39 5.47
N ILE A 112 -17.14 -26.10 5.69
CA ILE A 112 -17.59 -25.69 7.06
C ILE A 112 -17.47 -26.89 7.98
N ARG A 113 -17.70 -28.11 7.49
CA ARG A 113 -17.54 -29.32 8.35
C ARG A 113 -16.07 -29.49 8.75
N LYS A 114 -15.17 -29.41 7.77
CA LYS A 114 -13.73 -29.68 8.01
C LYS A 114 -13.16 -28.64 8.98
N TYR A 115 -13.57 -27.38 8.85
CA TYR A 115 -12.88 -26.25 9.55
C TYR A 115 -13.70 -25.75 10.74
N GLY A 116 -14.91 -26.27 10.97
CA GLY A 116 -15.69 -25.96 12.19
C GLY A 116 -16.45 -24.65 12.10
N PHE A 117 -16.91 -24.28 10.91
CA PHE A 117 -17.77 -23.08 10.73
C PHE A 117 -19.26 -23.45 10.88
N ASP A 118 -20.03 -22.43 11.21
CA ASP A 118 -21.49 -22.54 11.46
C ASP A 118 -22.32 -22.08 10.26
N GLY A 119 -21.69 -21.87 9.13
CA GLY A 119 -22.40 -21.46 7.91
C GLY A 119 -21.53 -20.69 6.95
N VAL A 120 -22.19 -20.16 5.93
CA VAL A 120 -21.54 -19.64 4.70
C VAL A 120 -22.09 -18.24 4.43
N ASP A 121 -21.18 -17.32 4.17
CA ASP A 121 -21.52 -15.94 3.78
C ASP A 121 -21.05 -15.76 2.34
N ILE A 122 -21.95 -15.40 1.44
CA ILE A 122 -21.64 -15.25 0.00
C ILE A 122 -21.38 -13.78 -0.29
N ASP A 123 -20.14 -13.44 -0.62
CA ASP A 123 -19.75 -12.04 -0.93
C ASP A 123 -19.45 -11.96 -2.43
N TRP A 124 -20.50 -12.05 -3.23
CA TRP A 124 -20.40 -12.00 -4.71
C TRP A 124 -20.50 -10.54 -5.14
N GLU A 125 -19.38 -9.99 -5.61
CA GLU A 125 -19.28 -8.54 -5.92
C GLU A 125 -18.95 -8.37 -7.39
N TYR A 126 -19.97 -8.22 -8.26
CA TYR A 126 -21.40 -8.30 -8.00
C TYR A 126 -22.06 -8.99 -9.19
N PRO A 127 -23.26 -9.57 -9.04
CA PRO A 127 -23.96 -10.15 -10.18
C PRO A 127 -24.21 -9.12 -11.29
N VAL A 128 -24.05 -9.55 -12.55
CA VAL A 128 -24.39 -8.86 -13.84
C VAL A 128 -23.39 -7.75 -14.12
N GLU A 129 -23.14 -6.86 -13.17
CA GLU A 129 -22.24 -5.70 -13.44
C GLU A 129 -21.57 -5.26 -12.15
N GLY A 130 -20.35 -4.78 -12.29
CA GLY A 130 -19.58 -4.21 -11.18
C GLY A 130 -18.63 -5.22 -10.58
N GLY A 131 -17.63 -4.71 -9.89
CA GLY A 131 -16.60 -5.55 -9.27
C GLY A 131 -15.22 -5.19 -9.79
N ALA A 132 -14.25 -6.01 -9.42
CA ALA A 132 -12.82 -5.79 -9.68
C ALA A 132 -12.52 -5.96 -11.17
N GLU A 133 -11.31 -5.58 -11.56
CA GLU A 133 -10.86 -5.68 -12.97
C GLU A 133 -10.95 -7.13 -13.44
N ASN A 134 -10.73 -8.10 -12.54
CA ASN A 134 -10.68 -9.55 -12.90
C ASN A 134 -12.10 -10.15 -12.93
N MET A 135 -13.13 -9.36 -12.66
CA MET A 135 -14.48 -9.91 -12.41
C MET A 135 -15.10 -10.41 -13.72
N LYS A 136 -15.88 -11.47 -13.62
CA LYS A 136 -16.60 -12.11 -14.75
C LYS A 136 -18.11 -12.04 -14.47
N HIS A 137 -18.90 -11.73 -15.49
CA HIS A 137 -20.38 -11.64 -15.38
C HIS A 137 -21.03 -12.30 -16.58
N ARG A 138 -22.32 -12.53 -16.46
CA ARG A 138 -23.18 -12.85 -17.62
C ARG A 138 -24.57 -12.35 -17.25
N PRO A 139 -25.41 -11.98 -18.24
CA PRO A 139 -26.74 -11.46 -17.92
C PRO A 139 -27.56 -12.41 -17.02
N GLU A 140 -27.37 -13.72 -17.21
N GLU A 140 -27.38 -13.72 -17.20
CA GLU A 140 -28.06 -14.80 -16.47
CA GLU A 140 -28.13 -14.75 -16.43
C GLU A 140 -27.74 -14.72 -14.96
C GLU A 140 -27.77 -14.69 -14.93
N ASP A 141 -26.72 -13.97 -14.53
CA ASP A 141 -26.37 -13.82 -13.09
C ASP A 141 -27.60 -13.40 -12.27
N LYS A 142 -28.48 -12.58 -12.84
CA LYS A 142 -29.64 -12.04 -12.08
C LYS A 142 -30.48 -13.22 -11.56
N GLN A 143 -30.76 -14.21 -12.40
CA GLN A 143 -31.56 -15.39 -11.97
C GLN A 143 -30.63 -16.41 -11.29
N ASN A 144 -29.37 -16.49 -11.72
CA ASN A 144 -28.45 -17.52 -11.20
C ASN A 144 -28.05 -17.22 -9.74
N TYR A 145 -27.99 -15.97 -9.30
CA TYR A 145 -27.75 -15.68 -7.87
C TYR A 145 -28.86 -16.34 -7.03
N THR A 146 -30.10 -16.27 -7.50
CA THR A 146 -31.25 -16.92 -6.82
C THR A 146 -31.04 -18.44 -6.80
N LEU A 147 -30.67 -19.01 -7.93
CA LEU A 147 -30.51 -20.48 -8.03
C LEU A 147 -29.31 -20.94 -7.18
N LEU A 148 -28.21 -20.20 -7.18
CA LEU A 148 -27.03 -20.60 -6.37
C LEU A 148 -27.43 -20.56 -4.88
N THR A 149 -28.14 -19.52 -4.47
CA THR A 149 -28.60 -19.38 -3.07
C THR A 149 -29.49 -20.58 -2.69
N ARG A 150 -30.42 -20.95 -3.56
CA ARG A 150 -31.33 -22.10 -3.30
CA ARG A 150 -31.32 -22.11 -3.32
C ARG A 150 -30.49 -23.39 -3.17
N SER A 151 -29.53 -23.60 -4.07
CA SER A 151 -28.67 -24.81 -4.02
C SER A 151 -27.92 -24.84 -2.67
N LEU A 152 -27.38 -23.69 -2.26
CA LEU A 152 -26.66 -23.62 -0.97
C LEU A 152 -27.61 -23.91 0.19
N ARG A 153 -28.79 -23.30 0.19
CA ARG A 153 -29.77 -23.48 1.29
C ARG A 153 -30.13 -24.96 1.42
N GLU A 154 -30.40 -25.62 0.29
CA GLU A 154 -30.78 -27.05 0.28
C GLU A 154 -29.61 -27.88 0.82
N ALA A 155 -28.40 -27.63 0.35
CA ALA A 155 -27.21 -28.42 0.75
C ALA A 155 -26.96 -28.23 2.26
N LEU A 156 -27.07 -26.99 2.74
CA LEU A 156 -26.82 -26.69 4.17
C LEU A 156 -27.93 -27.28 5.04
N ASP A 157 -29.18 -27.28 4.55
CA ASP A 157 -30.31 -27.91 5.29
C ASP A 157 -30.04 -29.42 5.43
N THR A 158 -29.70 -30.07 4.32
CA THR A 158 -29.46 -31.52 4.30
C THR A 158 -28.29 -31.85 5.24
N ALA A 159 -27.20 -31.08 5.14
CA ALA A 159 -26.00 -31.33 5.97
C ALA A 159 -26.31 -31.10 7.44
N GLY A 160 -27.04 -30.03 7.77
CA GLY A 160 -27.40 -29.74 9.16
C GLY A 160 -28.20 -30.87 9.77
N LYS A 161 -29.15 -31.41 9.00
CA LYS A 161 -29.99 -32.57 9.41
C LYS A 161 -29.07 -33.76 9.73
N ALA A 162 -28.06 -34.00 8.88
CA ALA A 162 -27.12 -35.13 9.05
C ALA A 162 -26.24 -34.90 10.28
N ASP A 163 -25.92 -33.63 10.58
CA ASP A 163 -24.88 -33.25 11.57
C ASP A 163 -25.50 -32.89 12.92
N GLY A 164 -26.83 -32.80 12.99
CA GLY A 164 -27.54 -32.35 14.20
C GLY A 164 -27.18 -30.92 14.55
N LYS A 165 -27.01 -30.06 13.55
CA LYS A 165 -26.83 -28.62 13.82
C LYS A 165 -27.46 -27.81 12.71
N TYR A 166 -27.63 -26.52 12.97
CA TYR A 166 -28.18 -25.58 11.98
C TYR A 166 -27.04 -24.76 11.40
N TYR A 167 -26.97 -24.74 10.07
CA TYR A 167 -25.97 -23.92 9.34
C TYR A 167 -26.69 -22.71 8.74
N GLU A 168 -26.15 -21.52 9.00
CA GLU A 168 -26.69 -20.26 8.45
C GLU A 168 -26.13 -20.01 7.04
N LEU A 169 -26.87 -19.24 6.25
CA LEU A 169 -26.48 -18.80 4.90
C LEU A 169 -26.76 -17.31 4.84
N THR A 170 -25.72 -16.52 4.57
CA THR A 170 -25.88 -15.05 4.49
C THR A 170 -25.22 -14.55 3.22
N THR A 171 -25.33 -13.24 3.00
CA THR A 171 -24.69 -12.58 1.85
C THR A 171 -24.37 -11.15 2.21
N ALA A 172 -23.33 -10.62 1.58
CA ALA A 172 -23.02 -9.18 1.55
C ALA A 172 -23.58 -8.61 0.25
N VAL A 173 -24.31 -7.50 0.33
CA VAL A 173 -24.91 -6.85 -0.87
C VAL A 173 -24.40 -5.42 -1.01
N TRP A 174 -24.32 -4.98 -2.26
CA TRP A 174 -23.79 -3.63 -2.62
C TRP A 174 -24.66 -2.54 -2.00
N GLY A 175 -24.03 -1.46 -1.55
CA GLY A 175 -24.76 -0.24 -1.16
C GLY A 175 -25.36 0.45 -2.37
N ASN A 176 -24.85 0.16 -3.58
CA ASN A 176 -25.35 0.74 -4.84
C ASN A 176 -26.61 -0.01 -5.28
N ASP A 177 -27.69 0.71 -5.53
CA ASP A 177 -29.01 0.09 -5.80
C ASP A 177 -29.02 -0.62 -7.18
N LYS A 178 -27.97 -0.49 -7.98
CA LYS A 178 -27.81 -1.33 -9.20
C LYS A 178 -27.92 -2.81 -8.79
N PHE A 179 -27.41 -3.16 -7.61
CA PHE A 179 -27.42 -4.58 -7.16
C PHE A 179 -28.86 -5.10 -7.16
N ILE A 180 -29.80 -4.26 -6.72
CA ILE A 180 -31.24 -4.62 -6.64
C ILE A 180 -31.82 -4.83 -8.05
N ALA A 181 -31.42 -4.01 -9.02
CA ALA A 181 -31.86 -4.14 -10.43
C ALA A 181 -31.31 -5.44 -11.01
N ASN A 182 -30.19 -5.94 -10.49
CA ASN A 182 -29.42 -7.06 -11.10
C ASN A 182 -29.62 -8.37 -10.30
N THR A 183 -30.53 -8.37 -9.33
CA THR A 183 -30.83 -9.58 -8.51
C THR A 183 -32.34 -9.65 -8.29
N GLU A 184 -32.76 -10.72 -7.62
CA GLU A 184 -34.17 -10.93 -7.23
C GLU A 184 -34.20 -10.98 -5.71
N MET A 185 -34.06 -9.82 -5.07
CA MET A 185 -33.87 -9.78 -3.60
C MET A 185 -35.12 -10.31 -2.90
N ASP A 186 -36.29 -10.14 -3.49
CA ASP A 186 -37.56 -10.66 -2.92
C ASP A 186 -37.53 -12.19 -2.84
N LYS A 187 -36.87 -12.86 -3.79
CA LYS A 187 -36.75 -14.34 -3.79
C LYS A 187 -35.62 -14.78 -2.85
N VAL A 188 -34.41 -14.25 -3.02
CA VAL A 188 -33.24 -14.80 -2.27
C VAL A 188 -33.41 -14.53 -0.78
N SER A 189 -34.10 -13.44 -0.42
N SER A 189 -34.10 -13.45 -0.43
CA SER A 189 -34.30 -13.05 1.00
CA SER A 189 -34.31 -13.00 0.98
C SER A 189 -34.85 -14.23 1.78
C SER A 189 -34.95 -14.14 1.79
N ARG A 190 -35.70 -15.04 1.14
CA ARG A 190 -36.41 -16.14 1.82
CA ARG A 190 -36.42 -16.13 1.86
C ARG A 190 -35.41 -17.23 2.24
N ASP A 191 -34.30 -17.36 1.51
CA ASP A 191 -33.29 -18.43 1.74
C ASP A 191 -32.15 -17.95 2.64
N PHE A 192 -31.81 -16.67 2.61
CA PHE A 192 -30.74 -16.15 3.49
C PHE A 192 -31.29 -15.98 4.91
N ASP A 193 -30.50 -16.38 5.92
CA ASP A 193 -30.84 -16.11 7.34
C ASP A 193 -30.81 -14.62 7.59
N PHE A 194 -29.84 -13.93 6.99
CA PHE A 194 -29.81 -12.45 7.02
C PHE A 194 -28.90 -11.98 5.90
N ILE A 195 -29.00 -10.67 5.65
CA ILE A 195 -28.38 -9.98 4.48
C ILE A 195 -27.65 -8.77 5.03
N ASN A 196 -26.33 -8.73 4.81
CA ASN A 196 -25.50 -7.61 5.31
C ASN A 196 -25.36 -6.59 4.20
N VAL A 197 -25.99 -5.44 4.36
CA VAL A 197 -25.89 -4.33 3.37
C VAL A 197 -24.55 -3.64 3.61
N MET A 198 -23.71 -3.59 2.59
CA MET A 198 -22.41 -2.90 2.67
C MET A 198 -22.68 -1.39 2.48
N SER A 199 -23.28 -0.78 3.50
CA SER A 199 -23.69 0.64 3.48
C SER A 199 -22.46 1.50 3.80
N TYR A 200 -21.45 1.37 2.94
CA TYR A 200 -20.17 2.09 3.02
C TYR A 200 -19.51 1.97 1.65
N ASP A 201 -18.29 2.49 1.50
CA ASP A 201 -17.62 2.60 0.19
C ASP A 201 -18.52 3.39 -0.77
N PHE A 202 -19.27 4.36 -0.26
CA PHE A 202 -20.08 5.22 -1.15
C PHE A 202 -19.17 6.20 -1.88
N ASN A 203 -18.05 6.57 -1.25
CA ASN A 203 -17.03 7.49 -1.80
C ASN A 203 -15.66 7.08 -1.28
N GLY A 204 -14.63 7.38 -2.05
CA GLY A 204 -13.27 6.93 -1.77
C GLY A 204 -12.33 7.45 -2.82
N THR A 205 -11.07 7.04 -2.78
CA THR A 205 -10.01 7.70 -3.59
C THR A 205 -10.02 7.24 -5.04
N TRP A 206 -10.94 6.36 -5.43
CA TRP A 206 -11.33 6.15 -6.86
C TRP A 206 -11.86 7.47 -7.44
N ASN A 207 -12.40 8.35 -6.60
CA ASN A 207 -12.75 9.74 -6.98
C ASN A 207 -11.54 10.61 -6.67
N LYS A 208 -11.27 11.60 -7.52
CA LYS A 208 -10.16 12.56 -7.30
C LYS A 208 -10.63 13.67 -6.35
N PHE A 209 -11.94 13.73 -6.06
CA PHE A 209 -12.57 14.69 -5.14
C PHE A 209 -12.96 13.94 -3.86
N SER A 210 -13.08 14.68 -2.77
CA SER A 210 -13.44 14.12 -1.44
C SER A 210 -14.94 13.93 -1.31
N GLY A 211 -15.31 13.11 -0.34
CA GLY A 211 -16.69 12.75 -0.01
C GLY A 211 -16.72 11.82 1.17
N HIS A 212 -17.91 11.43 1.59
CA HIS A 212 -18.10 10.59 2.80
C HIS A 212 -18.18 9.12 2.44
N ASN A 213 -17.50 8.30 3.21
CA ASN A 213 -17.54 6.83 3.04
C ASN A 213 -18.97 6.33 3.28
N ALA A 214 -19.62 6.86 4.32
CA ALA A 214 -20.89 6.28 4.81
C ALA A 214 -21.78 7.39 5.34
N PRO A 215 -22.16 8.38 4.50
CA PRO A 215 -23.07 9.42 4.96
C PRO A 215 -24.43 8.79 5.27
N PHE A 216 -25.13 9.31 6.27
CA PHE A 216 -26.41 8.72 6.73
C PHE A 216 -27.52 9.00 5.72
N VAL A 217 -27.62 10.25 5.26
CA VAL A 217 -28.67 10.65 4.29
C VAL A 217 -28.02 11.47 3.18
N ASN A 218 -28.77 11.68 2.12
CA ASN A 218 -28.30 12.48 0.97
C ASN A 218 -28.02 13.93 1.40
N ASP A 219 -26.89 14.43 0.93
CA ASP A 219 -26.51 15.87 1.05
C ASP A 219 -26.51 16.48 -0.35
N PRO A 220 -27.53 17.28 -0.72
CA PRO A 220 -27.58 17.87 -2.06
C PRO A 220 -26.43 18.84 -2.38
N ALA A 221 -25.69 19.29 -1.37
CA ALA A 221 -24.47 20.11 -1.58
C ALA A 221 -23.41 19.30 -2.34
N TYR A 222 -23.46 17.97 -2.26
CA TYR A 222 -22.51 17.08 -2.96
C TYR A 222 -23.08 16.81 -4.36
N ASP A 223 -22.45 17.37 -5.40
CA ASP A 223 -23.00 17.37 -6.79
C ASP A 223 -21.95 16.88 -7.80
N LYS A 224 -21.01 16.05 -7.39
CA LYS A 224 -19.88 15.64 -8.26
C LYS A 224 -20.33 14.58 -9.26
N PRO A 225 -19.64 14.44 -10.40
CA PRO A 225 -20.16 13.63 -11.50
C PRO A 225 -20.33 12.14 -11.17
N GLY A 226 -21.51 11.61 -11.48
CA GLY A 226 -21.81 10.17 -11.36
C GLY A 226 -22.10 9.74 -9.93
N ILE A 227 -22.06 10.66 -8.97
CA ILE A 227 -22.30 10.32 -7.54
C ILE A 227 -23.80 10.38 -7.33
N GLY A 228 -24.41 9.22 -7.14
CA GLY A 228 -25.88 9.11 -7.00
C GLY A 228 -26.40 9.78 -5.75
N LYS A 229 -27.64 10.27 -5.81
CA LYS A 229 -28.37 10.83 -4.65
C LYS A 229 -28.76 9.71 -3.67
N THR A 230 -28.57 8.45 -4.08
CA THR A 230 -28.87 7.26 -3.24
C THR A 230 -27.60 6.72 -2.59
N PHE A 231 -26.45 7.40 -2.72
CA PHE A 231 -25.16 6.92 -2.15
C PHE A 231 -25.08 7.30 -0.66
N ASN A 232 -25.96 6.71 0.14
CA ASN A 232 -26.07 7.00 1.59
C ASN A 232 -26.80 5.84 2.25
N VAL A 233 -26.66 5.76 3.57
CA VAL A 233 -27.12 4.58 4.34
C VAL A 233 -28.64 4.49 4.23
N VAL A 234 -29.37 5.57 4.50
CA VAL A 234 -30.86 5.50 4.51
C VAL A 234 -31.37 5.09 3.13
N SER A 235 -30.86 5.71 2.06
CA SER A 235 -31.30 5.34 0.69
C SER A 235 -31.07 3.83 0.46
N ALA A 236 -29.92 3.30 0.85
CA ALA A 236 -29.60 1.87 0.65
C ALA A 236 -30.57 1.00 1.45
N VAL A 237 -30.77 1.32 2.73
CA VAL A 237 -31.67 0.51 3.59
C VAL A 237 -33.09 0.54 3.00
N GLU A 238 -33.60 1.72 2.68
CA GLU A 238 -34.97 1.82 2.16
C GLU A 238 -35.08 1.09 0.82
N ALA A 239 -34.05 1.10 -0.03
CA ALA A 239 -34.10 0.39 -1.32
C ALA A 239 -34.20 -1.11 -1.09
N TYR A 240 -33.45 -1.67 -0.14
CA TYR A 240 -33.50 -3.13 0.11
C TYR A 240 -34.84 -3.49 0.76
N LEU A 241 -35.39 -2.66 1.63
CA LEU A 241 -36.73 -2.94 2.19
C LEU A 241 -37.76 -2.95 1.06
N LYS A 242 -37.73 -1.94 0.19
CA LYS A 242 -38.70 -1.85 -0.94
C LYS A 242 -38.55 -3.09 -1.84
N ALA A 243 -37.34 -3.58 -2.03
CA ALA A 243 -37.04 -4.74 -2.90
C ALA A 243 -37.55 -6.05 -2.28
N GLY A 244 -37.93 -6.06 -1.01
CA GLY A 244 -38.55 -7.23 -0.38
C GLY A 244 -37.68 -7.90 0.67
N VAL A 245 -36.56 -7.29 1.06
CA VAL A 245 -35.77 -7.84 2.21
C VAL A 245 -36.55 -7.54 3.48
N PRO A 246 -36.96 -8.56 4.27
CA PRO A 246 -37.65 -8.29 5.53
C PRO A 246 -36.76 -7.51 6.49
N ALA A 247 -37.33 -6.52 7.18
CA ALA A 247 -36.57 -5.65 8.09
C ALA A 247 -35.68 -6.47 9.04
N ASP A 248 -36.21 -7.54 9.62
CA ASP A 248 -35.50 -8.29 10.68
C ASP A 248 -34.30 -9.04 10.08
N LYS A 249 -34.23 -9.18 8.75
CA LYS A 249 -33.08 -9.85 8.10
C LYS A 249 -32.06 -8.84 7.56
N LEU A 250 -32.36 -7.56 7.58
CA LEU A 250 -31.51 -6.54 6.94
C LEU A 250 -30.53 -5.99 7.98
N VAL A 251 -29.24 -6.27 7.78
CA VAL A 251 -28.18 -5.90 8.75
C VAL A 251 -27.40 -4.73 8.14
N VAL A 252 -27.20 -3.67 8.91
CA VAL A 252 -26.59 -2.41 8.42
C VAL A 252 -25.07 -2.45 8.59
N GLY A 253 -24.35 -2.40 7.47
CA GLY A 253 -22.87 -2.33 7.46
C GLY A 253 -22.35 -0.99 7.93
N VAL A 254 -21.25 -1.04 8.69
CA VAL A 254 -20.54 0.14 9.25
C VAL A 254 -19.05 -0.06 9.00
N PRO A 255 -18.31 0.99 8.56
CA PRO A 255 -16.87 0.87 8.38
C PRO A 255 -16.10 1.27 9.64
N LEU A 256 -15.07 0.48 9.98
CA LEU A 256 -14.16 0.81 11.13
C LEU A 256 -12.82 1.35 10.61
N TYR A 257 -12.78 1.66 9.32
CA TYR A 257 -11.64 2.29 8.62
C TYR A 257 -12.12 3.65 8.12
N GLY A 258 -11.19 4.47 7.66
CA GLY A 258 -11.48 5.72 6.97
C GLY A 258 -10.68 5.81 5.68
N TYR A 259 -11.04 6.77 4.84
CA TYR A 259 -10.30 7.05 3.61
C TYR A 259 -9.73 8.46 3.69
N SER A 260 -8.58 8.67 3.06
CA SER A 260 -7.93 9.98 3.05
C SER A 260 -7.49 10.37 1.63
N TRP A 261 -7.59 11.67 1.38
CA TRP A 261 -7.01 12.36 0.20
C TRP A 261 -5.98 13.37 0.72
N LYS A 262 -5.05 13.78 -0.13
CA LYS A 262 -4.15 14.91 0.17
C LYS A 262 -4.39 16.05 -0.82
N GLY A 263 -3.98 17.25 -0.43
CA GLY A 263 -4.01 18.41 -1.33
C GLY A 263 -5.42 18.79 -1.78
N CYS A 264 -6.42 18.56 -0.93
CA CYS A 264 -7.81 18.99 -1.23
C CYS A 264 -7.90 20.51 -1.06
N ALA A 265 -8.47 21.20 -2.04
CA ALA A 265 -8.81 22.63 -1.91
C ALA A 265 -9.72 22.76 -0.69
N ALA A 266 -9.61 23.86 0.04
CA ALA A 266 -10.51 24.11 1.19
C ALA A 266 -11.92 24.38 0.66
N GLY A 267 -12.03 25.17 -0.40
CA GLY A 267 -13.33 25.68 -0.86
C GLY A 267 -14.03 26.41 0.26
N GLU A 268 -15.36 26.28 0.33
CA GLU A 268 -16.18 26.89 1.40
C GLU A 268 -16.52 25.84 2.47
N ARG A 269 -15.87 24.68 2.44
CA ARG A 269 -16.34 23.50 3.23
C ARG A 269 -15.19 22.80 3.95
N ASN A 270 -14.06 23.47 4.16
CA ASN A 270 -12.91 22.85 4.86
C ASN A 270 -12.60 21.50 4.19
N GLY A 271 -12.53 21.49 2.86
CA GLY A 271 -12.01 20.36 2.09
C GLY A 271 -13.06 19.35 1.65
N GLU A 272 -14.31 19.49 2.12
CA GLU A 272 -15.40 18.53 1.84
C GLU A 272 -15.96 18.74 0.42
N TYR A 273 -16.03 17.67 -0.37
CA TYR A 273 -16.56 17.67 -1.76
C TYR A 273 -15.67 18.56 -2.65
N GLN A 274 -14.37 18.56 -2.39
CA GLN A 274 -13.39 19.40 -3.11
C GLN A 274 -12.47 18.53 -3.97
N ASP A 275 -11.90 19.13 -4.99
CA ASP A 275 -10.89 18.46 -5.85
C ASP A 275 -9.60 18.31 -5.05
N CYS A 276 -8.99 17.12 -5.12
CA CYS A 276 -7.79 16.77 -4.33
C CYS A 276 -6.65 16.32 -5.23
N ASN A 277 -5.51 15.99 -4.62
CA ASN A 277 -4.23 15.66 -5.31
C ASN A 277 -3.78 14.26 -4.93
N GLY A 278 -4.70 13.31 -4.84
CA GLY A 278 -4.42 11.88 -4.64
C GLY A 278 -4.66 11.41 -3.22
N LYS A 279 -4.23 10.20 -2.93
CA LYS A 279 -4.41 9.58 -1.61
C LYS A 279 -3.66 10.34 -0.53
N GLY A 280 -4.24 10.37 0.66
CA GLY A 280 -3.62 10.93 1.86
C GLY A 280 -2.91 9.86 2.66
N ARG A 281 -2.48 10.21 3.88
CA ARG A 281 -1.78 9.23 4.75
C ARG A 281 -2.71 8.06 5.08
N GLY A 282 -2.12 6.88 5.19
CA GLY A 282 -2.84 5.67 5.59
C GLY A 282 -2.10 4.92 6.68
N THR A 283 -2.71 3.84 7.16
CA THR A 283 -2.11 3.00 8.21
C THR A 283 -1.24 1.94 7.51
N TRP A 284 -1.89 0.97 6.88
CA TRP A 284 -1.20 -0.19 6.26
C TRP A 284 -1.00 0.00 4.76
N GLU A 285 -1.60 1.04 4.21
CA GLU A 285 -1.47 1.43 2.79
C GLU A 285 -1.93 2.90 2.70
N ASP A 286 -1.44 3.62 1.71
CA ASP A 286 -1.87 5.02 1.53
C ASP A 286 -3.40 5.09 1.41
N GLY A 287 -3.97 6.17 1.93
CA GLY A 287 -5.37 6.51 1.66
C GLY A 287 -6.38 5.70 2.45
N ASN A 288 -5.92 4.76 3.29
N ASN A 288 -5.94 4.79 3.33
CA ASN A 288 -6.79 3.88 4.11
CA ASN A 288 -6.87 3.93 4.10
C ASN A 288 -6.29 3.96 5.55
C ASN A 288 -6.35 3.88 5.53
N LEU A 289 -7.12 4.46 6.47
CA LEU A 289 -6.73 4.60 7.88
C LEU A 289 -7.54 3.64 8.75
N ASP A 290 -6.89 2.96 9.69
CA ASP A 290 -7.64 2.28 10.78
C ASP A 290 -8.27 3.36 11.67
N PHE A 291 -9.48 3.13 12.19
CA PHE A 291 -10.02 4.01 13.25
C PHE A 291 -8.99 4.19 14.38
N THR A 292 -8.27 3.14 14.76
CA THR A 292 -7.25 3.21 15.84
C THR A 292 -6.27 4.36 15.57
N ASP A 293 -5.84 4.48 14.33
CA ASP A 293 -4.82 5.46 13.86
C ASP A 293 -5.43 6.86 13.90
N ILE A 294 -6.61 7.02 13.30
CA ILE A 294 -7.35 8.31 13.38
C ILE A 294 -7.46 8.75 14.85
N GLU A 295 -7.98 7.87 15.71
CA GLU A 295 -8.25 8.19 17.13
C GLU A 295 -6.95 8.61 17.84
N LYS A 296 -5.86 7.88 17.64
CA LYS A 296 -4.59 8.13 18.39
C LYS A 296 -3.86 9.36 17.83
N ASN A 297 -3.88 9.53 16.51
CA ASN A 297 -2.89 10.40 15.80
C ASN A 297 -3.53 11.64 15.16
N LEU A 298 -4.82 11.61 14.79
CA LEU A 298 -5.38 12.63 13.85
C LEU A 298 -6.60 13.36 14.41
N LEU A 299 -7.31 12.79 15.39
CA LEU A 299 -8.62 13.33 15.81
C LEU A 299 -8.37 14.63 16.59
N ASN A 300 -8.46 15.79 15.92
CA ASN A 300 -8.06 17.11 16.49
C ASN A 300 -6.58 17.08 16.92
N LYS A 301 -5.72 16.50 16.07
CA LYS A 301 -4.26 16.34 16.33
C LYS A 301 -3.48 16.51 15.00
N LYS A 302 -2.18 16.83 15.08
CA LYS A 302 -1.24 16.88 13.93
C LYS A 302 -1.78 17.79 12.82
N GLY A 303 -2.48 18.87 13.20
CA GLY A 303 -3.01 19.86 12.24
C GLY A 303 -4.36 19.50 11.63
N PHE A 304 -4.93 18.34 12.00
CA PHE A 304 -6.26 17.89 11.54
C PHE A 304 -7.31 18.42 12.53
N LYS A 305 -8.38 18.99 11.98
CA LYS A 305 -9.55 19.45 12.77
CA LYS A 305 -9.56 19.46 12.76
C LYS A 305 -10.78 18.61 12.38
N ARG A 306 -11.60 18.28 13.36
CA ARG A 306 -12.88 17.56 13.16
C ARG A 306 -13.98 18.56 12.80
N TYR A 307 -14.74 18.22 11.75
CA TYR A 307 -15.94 18.96 11.32
C TYR A 307 -17.12 17.99 11.29
N TRP A 308 -18.31 18.53 11.50
CA TRP A 308 -19.57 17.76 11.43
C TRP A 308 -20.45 18.35 10.34
N ASN A 309 -20.90 17.49 9.43
CA ASN A 309 -21.89 17.87 8.41
C ASN A 309 -23.25 17.45 8.93
N ASP A 310 -24.09 18.42 9.32
CA ASP A 310 -25.40 18.12 9.96
C ASP A 310 -26.48 17.86 8.91
N THR A 311 -26.15 17.91 7.62
CA THR A 311 -27.09 17.47 6.55
C THR A 311 -26.87 15.97 6.36
N ALA A 312 -25.65 15.59 6.01
CA ALA A 312 -25.27 14.18 5.74
C ALA A 312 -25.26 13.35 7.02
N LYS A 313 -25.07 13.99 8.18
CA LYS A 313 -24.83 13.36 9.51
C LYS A 313 -23.55 12.53 9.42
N ALA A 314 -22.43 13.20 9.15
CA ALA A 314 -21.11 12.56 9.03
C ALA A 314 -20.03 13.54 9.46
N ALA A 315 -19.01 12.99 10.11
CA ALA A 315 -17.82 13.76 10.55
C ALA A 315 -16.69 13.55 9.55
N TYR A 316 -15.82 14.55 9.48
CA TYR A 316 -14.58 14.46 8.68
C TYR A 316 -13.47 15.22 9.37
N LEU A 317 -12.24 14.92 8.97
CA LEU A 317 -11.06 15.69 9.42
C LEU A 317 -10.53 16.45 8.22
N TYR A 318 -10.01 17.64 8.47
CA TYR A 318 -9.26 18.38 7.44
C TYR A 318 -8.01 19.00 8.06
N ASN A 319 -6.89 18.81 7.39
CA ASN A 319 -5.61 19.47 7.70
C ASN A 319 -5.39 20.57 6.65
N ALA A 320 -5.55 21.84 7.04
CA ALA A 320 -5.50 22.99 6.11
C ALA A 320 -4.10 23.14 5.51
N GLU A 321 -3.06 22.72 6.24
N GLU A 321 -3.06 22.70 6.23
CA GLU A 321 -1.64 22.82 5.80
CA GLU A 321 -1.64 22.83 5.81
C GLU A 321 -1.38 21.88 4.62
C GLU A 321 -1.37 21.87 4.64
N THR A 322 -1.75 20.61 4.77
CA THR A 322 -1.49 19.56 3.75
C THR A 322 -2.69 19.38 2.81
N GLY A 323 -3.85 19.94 3.16
CA GLY A 323 -5.09 19.68 2.41
C GLY A 323 -5.58 18.26 2.59
N GLU A 324 -5.08 17.52 3.58
CA GLU A 324 -5.53 16.13 3.76
C GLU A 324 -6.96 16.15 4.35
N PHE A 325 -7.83 15.36 3.73
CA PHE A 325 -9.23 15.18 4.13
C PHE A 325 -9.41 13.72 4.52
N VAL A 326 -10.03 13.48 5.69
CA VAL A 326 -10.31 12.10 6.17
C VAL A 326 -11.81 11.95 6.34
N THR A 327 -12.38 10.95 5.68
CA THR A 327 -13.75 10.45 5.98
C THR A 327 -13.60 9.22 6.88
N TYR A 328 -14.36 9.18 7.97
CA TYR A 328 -14.29 8.07 8.95
C TYR A 328 -15.63 8.02 9.68
N GLU A 329 -15.84 6.94 10.42
CA GLU A 329 -17.07 6.72 11.18
C GLU A 329 -16.88 7.29 12.59
N ASP A 330 -17.47 8.46 12.84
CA ASP A 330 -17.44 9.09 14.18
C ASP A 330 -18.55 8.51 15.06
N PRO A 331 -18.31 8.36 16.39
CA PRO A 331 -19.40 7.91 17.27
C PRO A 331 -20.71 8.70 17.12
N GLN A 332 -20.64 9.99 16.78
CA GLN A 332 -21.87 10.82 16.65
C GLN A 332 -22.73 10.26 15.49
N ALA A 333 -22.10 9.87 14.39
CA ALA A 333 -22.80 9.27 13.23
C ALA A 333 -23.26 7.86 13.58
N LEU A 334 -22.39 7.08 14.23
CA LEU A 334 -22.70 5.66 14.49
C LEU A 334 -23.90 5.57 15.45
N LYS A 335 -24.00 6.47 16.44
CA LYS A 335 -25.17 6.46 17.35
C LYS A 335 -26.46 6.68 16.54
N ILE A 336 -26.45 7.61 15.59
CA ILE A 336 -27.65 7.84 14.73
C ILE A 336 -28.01 6.53 14.01
N LYS A 337 -27.02 5.82 13.48
CA LYS A 337 -27.29 4.56 12.73
C LYS A 337 -27.84 3.47 13.66
N LEU A 338 -27.32 3.39 14.89
CA LEU A 338 -27.80 2.36 15.87
C LEU A 338 -29.25 2.66 16.27
N ASP A 339 -29.58 3.93 16.47
CA ASP A 339 -30.99 4.32 16.75
C ASP A 339 -31.86 3.97 15.54
N TYR A 340 -31.36 4.16 14.34
CA TYR A 340 -32.11 3.86 13.09
C TYR A 340 -32.38 2.35 12.97
N ILE A 341 -31.38 1.52 13.27
CA ILE A 341 -31.57 0.05 13.31
C ILE A 341 -32.78 -0.25 14.20
N LYS A 342 -32.86 0.36 15.39
CA LYS A 342 -33.93 0.05 16.35
C LYS A 342 -35.27 0.60 15.84
N SER A 343 -35.28 1.82 15.30
CA SER A 343 -36.55 2.46 14.88
CA SER A 343 -36.53 2.49 14.85
C SER A 343 -37.14 1.72 13.67
N LYS A 344 -36.30 1.11 12.84
CA LYS A 344 -36.73 0.41 11.60
C LYS A 344 -36.95 -1.09 11.86
N GLY A 345 -36.61 -1.60 13.04
CA GLY A 345 -36.71 -3.04 13.35
C GLY A 345 -35.75 -3.85 12.47
N LEU A 346 -34.56 -3.33 12.22
CA LEU A 346 -33.59 -4.03 11.34
C LEU A 346 -32.91 -5.19 12.09
N GLY A 347 -32.07 -5.92 11.37
CA GLY A 347 -31.50 -7.20 11.83
C GLY A 347 -30.29 -7.02 12.72
N GLY A 348 -29.73 -5.80 12.78
CA GLY A 348 -28.55 -5.47 13.58
C GLY A 348 -27.52 -4.71 12.76
N ALA A 349 -26.26 -4.83 13.16
CA ALA A 349 -25.12 -4.15 12.52
C ALA A 349 -24.07 -5.16 12.10
N MET A 350 -23.39 -4.83 11.01
CA MET A 350 -22.23 -5.57 10.51
C MET A 350 -21.09 -4.57 10.41
N TYR A 351 -19.84 -4.99 10.57
CA TYR A 351 -18.75 -4.04 10.33
C TYR A 351 -17.51 -4.67 9.72
N TRP A 352 -16.89 -3.88 8.85
CA TRP A 352 -15.58 -4.17 8.25
C TRP A 352 -14.57 -3.18 8.83
N GLU A 353 -13.60 -3.63 9.64
CA GLU A 353 -13.37 -4.98 10.13
C GLU A 353 -12.77 -4.83 11.53
N ILE A 354 -12.82 -5.87 12.33
CA ILE A 354 -12.64 -5.76 13.81
C ILE A 354 -11.22 -5.35 14.18
N THR A 355 -10.22 -5.60 13.34
CA THR A 355 -8.81 -5.27 13.71
C THR A 355 -8.60 -3.75 13.66
N ALA A 356 -9.47 -3.02 12.97
CA ALA A 356 -9.22 -1.59 12.66
C ALA A 356 -9.58 -0.68 13.85
N ASP A 357 -10.06 -1.22 14.98
CA ASP A 357 -10.50 -0.42 16.15
C ASP A 357 -9.96 -1.08 17.43
N ARG A 358 -8.68 -0.89 17.74
CA ARG A 358 -8.01 -1.65 18.82
C ARG A 358 -8.56 -1.25 20.21
N LYS A 359 -8.97 0.01 20.41
CA LYS A 359 -9.54 0.43 21.71
C LYS A 359 -11.03 0.05 21.79
N GLN A 360 -11.61 -0.49 20.70
CA GLN A 360 -13.03 -0.94 20.67
C GLN A 360 -13.95 0.26 20.91
N THR A 361 -13.57 1.45 20.47
CA THR A 361 -14.42 2.66 20.63
C THR A 361 -15.73 2.46 19.90
N LEU A 362 -15.67 2.05 18.64
CA LEU A 362 -16.89 1.83 17.83
C LEU A 362 -17.46 0.44 18.16
N VAL A 363 -16.60 -0.56 18.27
CA VAL A 363 -17.00 -1.95 18.65
C VAL A 363 -17.85 -1.91 19.92
N ASN A 364 -17.42 -1.18 20.93
CA ASN A 364 -18.13 -1.19 22.24
C ASN A 364 -19.44 -0.41 22.14
N LEU A 365 -19.48 0.65 21.33
CA LEU A 365 -20.73 1.44 21.18
C LEU A 365 -21.79 0.55 20.52
N ILE A 366 -21.40 -0.17 19.48
CA ILE A 366 -22.33 -1.08 18.76
C ILE A 366 -22.87 -2.14 19.73
N ALA A 367 -21.98 -2.78 20.51
CA ALA A 367 -22.37 -3.86 21.44
C ALA A 367 -23.27 -3.29 22.54
N ASP A 368 -22.94 -2.10 23.06
CA ASP A 368 -23.72 -1.50 24.17
C ASP A 368 -25.15 -1.20 23.69
N GLU A 369 -25.29 -0.70 22.47
CA GLU A 369 -26.62 -0.30 21.94
C GLU A 369 -27.44 -1.52 21.50
N LEU A 370 -26.81 -2.57 20.98
CA LEU A 370 -27.58 -3.65 20.30
C LEU A 370 -27.64 -4.94 21.11
N LEU A 371 -26.70 -5.17 22.04
CA LEU A 371 -26.65 -6.47 22.76
C LEU A 371 -27.10 -6.31 24.22
N THR A 372 -27.47 -7.42 24.84
CA THR A 372 -27.88 -7.52 26.26
C THR A 372 -26.61 -7.81 27.08
N SER B 6 38.77 10.42 0.77
CA SER B 6 37.51 11.10 1.18
C SER B 6 36.31 10.40 0.52
N TYR B 7 35.23 10.21 1.29
CA TYR B 7 34.02 9.48 0.87
C TYR B 7 32.76 10.31 1.07
N ARG B 8 31.86 10.18 0.11
CA ARG B 8 30.51 10.80 0.18
C ARG B 8 29.55 9.87 0.92
N VAL B 9 28.59 10.46 1.60
CA VAL B 9 27.41 9.73 2.15
C VAL B 9 26.18 10.48 1.68
N VAL B 10 25.49 9.90 0.71
CA VAL B 10 24.37 10.55 -0.01
C VAL B 10 23.06 9.93 0.47
N ALA B 11 22.32 10.66 1.29
CA ALA B 11 21.05 10.16 1.85
C ALA B 11 19.89 10.73 1.06
N TYR B 12 19.03 9.87 0.53
CA TYR B 12 17.73 10.33 0.01
C TYR B 12 16.79 10.67 1.16
N TYR B 13 16.16 11.82 1.05
CA TYR B 13 15.01 12.20 1.90
C TYR B 13 13.78 12.27 1.01
N ILE B 14 12.72 11.55 1.40
CA ILE B 14 11.45 11.47 0.63
C ILE B 14 10.51 12.59 1.09
N SER B 15 10.01 13.39 0.16
CA SER B 15 9.14 14.53 0.51
C SER B 15 7.93 14.04 1.30
N TRP B 16 7.44 12.85 0.96
CA TRP B 16 6.23 12.27 1.58
C TRP B 16 6.54 11.71 2.99
N GLY B 17 7.79 11.77 3.44
CA GLY B 17 8.12 11.57 4.87
C GLY B 17 7.30 12.50 5.74
N ALA B 18 6.92 13.66 5.22
CA ALA B 18 6.22 14.72 5.97
C ALA B 18 4.74 14.40 6.16
N TYR B 19 4.23 13.28 5.65
CA TYR B 19 2.84 12.83 5.88
C TYR B 19 2.83 11.85 7.06
N GLY B 20 2.26 10.65 6.91
CA GLY B 20 2.05 9.72 8.03
C GLY B 20 3.34 9.25 8.70
N ARG B 21 4.45 9.22 7.96
CA ARG B 21 5.77 8.85 8.54
C ARG B 21 6.20 9.88 9.59
N SER B 22 5.69 11.11 9.49
N SER B 22 5.73 11.13 9.47
CA SER B 22 6.02 12.23 10.42
CA SER B 22 6.00 12.22 10.44
C SER B 22 7.54 12.26 10.63
C SER B 22 7.52 12.43 10.61
N TYR B 23 8.27 12.31 9.53
CA TYR B 23 9.74 12.46 9.53
C TYR B 23 10.09 13.61 8.59
N PHE B 24 10.62 14.68 9.18
CA PHE B 24 10.86 15.97 8.51
C PHE B 24 12.36 16.19 8.40
N PRO B 25 12.80 17.17 7.59
CA PRO B 25 14.23 17.47 7.52
C PRO B 25 14.83 17.83 8.88
N SER B 26 14.02 18.37 9.80
CA SER B 26 14.47 18.68 11.19
C SER B 26 14.87 17.41 11.94
N ASP B 27 14.42 16.24 11.52
CA ASP B 27 14.69 14.94 12.20
C ASP B 27 16.02 14.35 11.76
N ILE B 28 16.61 14.87 10.69
CA ILE B 28 17.85 14.29 10.12
C ILE B 28 19.04 14.64 11.01
N ASP B 29 19.92 13.68 11.24
CA ASP B 29 21.24 13.91 11.87
C ASP B 29 22.24 14.24 10.76
N TYR B 30 22.44 15.52 10.50
CA TYR B 30 23.25 16.00 9.35
C TYR B 30 24.73 15.65 9.55
N SER B 31 25.17 15.30 10.76
CA SER B 31 26.56 14.85 11.00
C SER B 31 26.83 13.50 10.31
N LYS B 32 25.77 12.80 9.90
CA LYS B 32 25.88 11.42 9.38
CA LYS B 32 25.87 11.42 9.37
C LYS B 32 25.91 11.41 7.84
N VAL B 33 25.83 12.58 7.18
CA VAL B 33 25.73 12.64 5.69
C VAL B 33 26.70 13.70 5.18
N THR B 34 27.03 13.61 3.89
CA THR B 34 27.66 14.73 3.14
C THR B 34 26.59 15.42 2.27
N HIS B 35 25.63 14.65 1.79
CA HIS B 35 24.62 15.15 0.82
C HIS B 35 23.23 14.65 1.20
N ILE B 36 22.22 15.49 1.01
CA ILE B 36 20.81 15.04 0.96
C ILE B 36 20.34 15.16 -0.48
N ASN B 37 19.80 14.08 -1.02
CA ASN B 37 19.05 14.11 -2.29
C ASN B 37 17.56 14.21 -1.94
N TYR B 38 16.91 15.29 -2.38
CA TYR B 38 15.48 15.49 -2.11
C TYR B 38 14.64 14.84 -3.21
N ALA B 39 13.90 13.79 -2.84
CA ALA B 39 13.02 13.03 -3.75
C ALA B 39 11.61 13.57 -3.61
N PHE B 40 11.03 14.23 -4.64
CA PHE B 40 11.55 14.46 -5.98
C PHE B 40 10.98 15.77 -6.52
N ALA B 41 11.64 16.35 -7.52
CA ALA B 41 11.02 17.30 -8.47
C ALA B 41 10.42 16.50 -9.63
N ASN B 42 9.36 17.04 -10.21
CA ASN B 42 8.71 16.47 -11.41
C ASN B 42 9.20 17.23 -12.65
N ILE B 43 8.75 16.79 -13.81
CA ILE B 43 8.95 17.50 -15.11
C ILE B 43 7.55 17.81 -15.65
N LYS B 44 7.30 19.08 -15.99
CA LYS B 44 6.04 19.51 -16.63
C LYS B 44 6.40 20.45 -17.78
N ASP B 45 5.86 20.18 -18.96
CA ASP B 45 6.13 20.99 -20.18
C ASP B 45 7.64 21.20 -20.31
N GLY B 46 8.42 20.15 -20.05
CA GLY B 46 9.86 20.14 -20.34
C GLY B 46 10.69 20.89 -19.31
N GLU B 47 10.10 21.26 -18.16
CA GLU B 47 10.79 22.02 -17.10
C GLU B 47 10.76 21.27 -15.76
N VAL B 48 11.81 21.44 -14.98
CA VAL B 48 11.86 20.98 -13.56
C VAL B 48 10.83 21.78 -12.77
N VAL B 49 9.94 21.09 -12.06
CA VAL B 49 8.86 21.74 -11.28
C VAL B 49 8.74 21.09 -9.90
N VAL B 50 8.14 21.83 -8.99
CA VAL B 50 7.85 21.34 -7.61
C VAL B 50 6.98 20.10 -7.72
N GLY B 51 7.40 19.02 -7.05
CA GLY B 51 6.69 17.73 -7.09
C GLY B 51 5.41 17.73 -6.28
N ASP B 52 5.43 18.30 -5.08
CA ASP B 52 4.27 18.24 -4.15
C ASP B 52 4.20 19.54 -3.37
N PRO B 53 3.37 20.50 -3.83
CA PRO B 53 3.19 21.77 -3.14
C PRO B 53 2.67 21.67 -1.70
N GLY B 54 2.16 20.50 -1.28
CA GLY B 54 1.66 20.29 0.08
C GLY B 54 2.78 20.12 1.10
N VAL B 55 3.98 19.77 0.65
CA VAL B 55 5.12 19.54 1.60
C VAL B 55 6.42 20.20 1.13
N ASP B 56 6.55 20.60 -0.14
CA ASP B 56 7.86 21.04 -0.69
C ASP B 56 8.06 22.54 -0.44
N ASP B 57 7.39 23.39 -1.22
CA ASP B 57 7.51 24.87 -1.13
C ASP B 57 6.32 25.47 -0.37
N GLY B 58 5.48 24.64 0.21
CA GLY B 58 4.32 25.08 1.00
C GLY B 58 3.90 23.99 1.96
N GLY B 59 2.79 24.20 2.66
CA GLY B 59 2.26 23.23 3.63
C GLY B 59 3.29 22.92 4.70
N LYS B 60 3.85 21.72 4.72
CA LYS B 60 4.90 21.35 5.72
C LYS B 60 6.22 22.07 5.43
N ASN B 61 6.45 22.59 4.22
CA ASN B 61 7.59 23.49 3.92
C ASN B 61 8.91 22.77 4.18
N ASN B 62 9.08 21.59 3.60
CA ASN B 62 10.37 20.86 3.70
C ASN B 62 11.52 21.70 3.13
N PHE B 63 11.30 22.47 2.06
CA PHE B 63 12.40 23.27 1.46
C PHE B 63 12.93 24.28 2.49
N THR B 64 12.04 24.99 3.20
CA THR B 64 12.46 25.93 4.27
C THR B 64 13.32 25.17 5.29
N ALA B 65 12.90 23.96 5.67
CA ALA B 65 13.59 23.16 6.71
C ALA B 65 14.99 22.77 6.19
N LEU B 66 15.12 22.44 4.90
CA LEU B 66 16.45 22.10 4.33
C LEU B 66 17.36 23.33 4.29
N ARG B 67 16.84 24.52 4.01
CA ARG B 67 17.68 25.75 4.00
C ARG B 67 18.14 26.03 5.44
N LYS B 68 17.26 25.81 6.43
CA LYS B 68 17.58 25.98 7.87
C LYS B 68 18.72 25.02 8.24
N ALA B 69 18.64 23.77 7.80
CA ALA B 69 19.70 22.76 8.06
C ALA B 69 21.02 23.21 7.43
N LYS B 70 20.98 23.73 6.20
CA LYS B 70 22.21 24.20 5.50
C LYS B 70 22.88 25.30 6.33
N LYS B 71 22.08 26.23 6.86
CA LYS B 71 22.63 27.36 7.65
C LYS B 71 23.26 26.82 8.94
N ALA B 72 22.65 25.82 9.58
CA ALA B 72 23.09 25.25 10.87
C ALA B 72 24.32 24.34 10.66
N HIS B 73 24.43 23.74 9.47
CA HIS B 73 25.44 22.71 9.13
C HIS B 73 26.08 23.08 7.81
N PRO B 74 27.01 24.05 7.77
CA PRO B 74 27.56 24.55 6.50
C PRO B 74 28.21 23.49 5.61
N HIS B 75 28.59 22.32 6.15
CA HIS B 75 29.20 21.21 5.36
C HIS B 75 28.19 20.68 4.35
N LEU B 76 26.91 20.77 4.71
CA LEU B 76 25.83 20.04 4.02
C LEU B 76 25.69 20.53 2.58
N ARG B 77 25.46 19.58 1.69
CA ARG B 77 25.05 19.87 0.29
CA ARG B 77 25.05 19.87 0.29
C ARG B 77 23.67 19.25 0.05
N ASN B 78 22.70 20.06 -0.36
CA ASN B 78 21.33 19.60 -0.68
C ASN B 78 21.15 19.60 -2.20
N LEU B 79 20.80 18.46 -2.77
CA LEU B 79 20.55 18.34 -4.22
C LEU B 79 19.08 18.02 -4.43
N ILE B 80 18.51 18.59 -5.49
CA ILE B 80 17.14 18.22 -5.91
C ILE B 80 17.22 17.02 -6.85
N SER B 81 16.53 15.94 -6.51
CA SER B 81 16.43 14.74 -7.39
CA SER B 81 16.42 14.73 -7.37
C SER B 81 15.25 14.92 -8.34
N VAL B 82 15.52 14.94 -9.63
CA VAL B 82 14.47 15.10 -10.68
C VAL B 82 14.10 13.72 -11.20
N GLY B 83 12.80 13.43 -11.20
CA GLY B 83 12.24 12.23 -11.85
C GLY B 83 12.03 11.10 -10.86
N GLY B 84 12.88 10.09 -10.92
CA GLY B 84 12.65 8.83 -10.21
C GLY B 84 11.78 7.87 -11.00
N TRP B 85 11.38 6.78 -10.37
CA TRP B 85 10.65 5.69 -11.07
C TRP B 85 9.36 6.22 -11.69
N SER B 86 8.54 6.95 -10.94
CA SER B 86 7.17 7.31 -11.35
C SER B 86 7.18 8.53 -12.28
N TRP B 87 8.20 9.39 -12.19
CA TRP B 87 8.17 10.73 -12.82
C TRP B 87 9.31 10.88 -13.85
N SER B 88 9.63 9.82 -14.60
CA SER B 88 10.69 9.88 -15.64
C SER B 88 10.11 10.10 -17.03
N SER B 89 8.78 10.12 -17.20
CA SER B 89 8.13 10.07 -18.54
C SER B 89 8.44 11.32 -19.37
N GLY B 90 8.90 12.42 -18.76
CA GLY B 90 9.22 13.68 -19.47
C GLY B 90 10.66 13.79 -19.95
N PHE B 91 11.56 12.91 -19.52
CA PHE B 91 13.00 13.08 -19.83
C PHE B 91 13.28 12.93 -21.33
N SER B 92 12.69 11.94 -21.98
CA SER B 92 13.02 11.64 -23.39
C SER B 92 12.79 12.88 -24.26
N ASP B 93 11.64 13.52 -24.09
N ASP B 93 11.63 13.53 -24.09
CA ASP B 93 11.29 14.74 -24.87
CA ASP B 93 11.25 14.76 -24.85
C ASP B 93 12.20 15.89 -24.44
C ASP B 93 12.15 15.93 -24.44
N ALA B 94 12.45 16.05 -23.14
CA ALA B 94 13.27 17.16 -22.61
C ALA B 94 14.69 17.09 -23.18
N ALA B 95 15.17 15.88 -23.46
CA ALA B 95 16.55 15.63 -23.95
C ALA B 95 16.66 15.65 -25.48
N ALA B 96 15.55 15.72 -26.23
CA ALA B 96 15.51 15.27 -27.64
C ALA B 96 16.00 16.35 -28.63
N THR B 97 16.03 17.63 -28.26
CA THR B 97 16.45 18.71 -29.16
C THR B 97 17.30 19.71 -28.39
N PRO B 98 18.15 20.49 -29.06
CA PRO B 98 18.91 21.54 -28.36
C PRO B 98 18.00 22.53 -27.61
N GLU B 99 16.86 22.85 -28.21
CA GLU B 99 15.89 23.81 -27.60
C GLU B 99 15.30 23.19 -26.32
N ALA B 100 14.91 21.93 -26.36
CA ALA B 100 14.31 21.26 -25.18
C ALA B 100 15.38 21.14 -24.09
N ARG B 101 16.62 20.83 -24.47
CA ARG B 101 17.71 20.62 -23.47
C ARG B 101 17.99 21.95 -22.76
N LYS B 102 18.05 23.04 -23.51
CA LYS B 102 18.32 24.37 -22.91
CA LYS B 102 18.31 24.38 -22.92
C LYS B 102 17.14 24.76 -22.01
N ARG B 103 15.91 24.53 -22.44
CA ARG B 103 14.71 24.84 -21.63
C ARG B 103 14.78 24.06 -20.32
N PHE B 104 15.12 22.78 -20.38
CA PHE B 104 15.21 21.94 -19.17
C PHE B 104 16.33 22.46 -18.27
N ALA B 105 17.52 22.67 -18.84
CA ALA B 105 18.69 23.08 -18.03
C ALA B 105 18.44 24.45 -17.38
N ASP B 106 17.86 25.40 -18.11
CA ASP B 106 17.57 26.75 -17.56
C ASP B 106 16.55 26.62 -16.43
N SER B 107 15.58 25.72 -16.56
CA SER B 107 14.55 25.52 -15.51
C SER B 107 15.20 24.91 -14.27
N ALA B 108 16.22 24.05 -14.44
CA ALA B 108 16.92 23.42 -13.30
C ALA B 108 17.71 24.49 -12.54
N VAL B 109 18.42 25.36 -13.25
CA VAL B 109 19.17 26.47 -12.62
C VAL B 109 18.18 27.38 -11.88
N ALA B 110 17.05 27.72 -12.49
CA ALA B 110 16.07 28.63 -11.84
C ALA B 110 15.54 27.96 -10.56
N PHE B 111 15.27 26.65 -10.62
CA PHE B 111 14.73 25.90 -9.47
C PHE B 111 15.71 25.94 -8.29
N ILE B 112 16.99 25.64 -8.53
CA ILE B 112 17.96 25.55 -7.40
C ILE B 112 18.23 26.95 -6.85
N ARG B 113 18.25 27.98 -7.70
CA ARG B 113 18.38 29.38 -7.24
C ARG B 113 17.16 29.77 -6.39
N LYS B 114 15.97 29.34 -6.80
CA LYS B 114 14.71 29.75 -6.14
C LYS B 114 14.64 29.13 -4.73
N TYR B 115 14.99 27.85 -4.61
CA TYR B 115 14.68 27.06 -3.39
C TYR B 115 15.92 26.77 -2.55
N GLY B 116 17.11 27.20 -2.97
CA GLY B 116 18.33 27.12 -2.15
C GLY B 116 19.01 25.76 -2.23
N PHE B 117 18.92 25.08 -3.36
CA PHE B 117 19.61 23.79 -3.57
C PHE B 117 21.03 24.04 -4.09
N ASP B 118 21.91 23.08 -3.82
CA ASP B 118 23.34 23.14 -4.17
C ASP B 118 23.61 22.40 -5.47
N GLY B 119 22.58 21.87 -6.13
CA GLY B 119 22.77 21.17 -7.39
C GLY B 119 21.60 20.28 -7.72
N VAL B 120 21.81 19.47 -8.74
CA VAL B 120 20.74 18.71 -9.43
C VAL B 120 21.17 17.26 -9.56
N ASP B 121 20.30 16.36 -9.18
CA ASP B 121 20.48 14.91 -9.33
C ASP B 121 19.47 14.42 -10.37
N ILE B 122 19.95 13.82 -11.44
CA ILE B 122 19.09 13.33 -12.55
C ILE B 122 18.76 11.85 -12.33
N ASP B 123 17.49 11.54 -12.03
CA ASP B 123 17.06 10.13 -11.83
C ASP B 123 16.17 9.73 -13.00
N TRP B 124 16.79 9.55 -14.15
CA TRP B 124 16.09 9.19 -15.42
C TRP B 124 16.06 7.65 -15.46
N GLU B 125 14.87 7.08 -15.27
CA GLU B 125 14.71 5.62 -15.15
C GLU B 125 13.81 5.12 -16.28
N TYR B 126 14.37 4.70 -17.43
CA TYR B 126 15.78 4.74 -17.79
C TYR B 126 15.87 5.05 -19.29
N PRO B 127 17.01 5.57 -19.77
CA PRO B 127 17.18 5.81 -21.21
C PRO B 127 16.99 4.54 -22.07
N VAL B 128 16.27 4.69 -23.18
CA VAL B 128 16.09 3.68 -24.28
C VAL B 128 15.10 2.58 -23.87
N GLU B 129 15.32 1.95 -22.73
CA GLU B 129 14.40 0.86 -22.30
C GLU B 129 14.37 0.77 -20.77
N GLY B 130 13.21 0.35 -20.26
CA GLY B 130 13.00 0.13 -18.83
C GLY B 130 12.33 1.31 -18.18
N GLY B 131 11.76 1.05 -17.00
CA GLY B 131 11.03 2.08 -16.25
C GLY B 131 9.59 1.69 -16.04
N ALA B 132 8.83 2.64 -15.51
CA ALA B 132 7.42 2.46 -15.13
C ALA B 132 6.57 2.28 -16.40
N GLU B 133 5.34 1.83 -16.19
CA GLU B 133 4.34 1.64 -17.27
C GLU B 133 4.16 2.95 -18.06
N ASN B 134 4.27 4.12 -17.41
CA ASN B 134 4.02 5.43 -18.07
C ASN B 134 5.26 5.91 -18.86
N MET B 135 6.35 5.14 -18.88
CA MET B 135 7.66 5.67 -19.33
C MET B 135 7.68 5.79 -20.86
N LYS B 136 8.29 6.87 -21.37
CA LYS B 136 8.48 7.15 -22.82
C LYS B 136 9.96 7.01 -23.13
N HIS B 137 10.27 6.42 -24.28
CA HIS B 137 11.67 6.23 -24.72
C HIS B 137 11.83 6.54 -26.20
N ARG B 138 13.07 6.70 -26.61
CA ARG B 138 13.44 6.64 -28.04
C ARG B 138 14.87 6.09 -28.11
N PRO B 139 15.25 5.42 -29.21
CA PRO B 139 16.62 4.90 -29.33
C PRO B 139 17.66 5.99 -29.10
N GLU B 140 17.36 7.22 -29.52
CA GLU B 140 18.26 8.40 -29.43
C GLU B 140 18.50 8.82 -27.97
N ASP B 141 17.74 8.29 -27.00
CA ASP B 141 18.00 8.54 -25.57
C ASP B 141 19.48 8.25 -25.24
N LYS B 142 20.08 7.27 -25.91
CA LYS B 142 21.48 6.88 -25.62
C LYS B 142 22.40 8.09 -25.76
N GLN B 143 22.28 8.83 -26.86
CA GLN B 143 23.11 10.05 -27.07
C GLN B 143 22.49 11.24 -26.34
N ASN B 144 21.16 11.30 -26.23
CA ASN B 144 20.50 12.50 -25.67
C ASN B 144 20.73 12.58 -24.16
N TYR B 145 20.93 11.46 -23.46
CA TYR B 145 21.31 11.49 -22.02
C TYR B 145 22.65 12.25 -21.90
N THR B 146 23.58 11.97 -22.80
CA THR B 146 24.90 12.66 -22.83
C THR B 146 24.68 14.15 -23.11
N LEU B 147 23.88 14.48 -24.10
CA LEU B 147 23.68 15.89 -24.51
C LEU B 147 22.93 16.67 -23.41
N LEU B 148 21.95 16.05 -22.76
CA LEU B 148 21.22 16.72 -21.66
C LEU B 148 22.18 16.96 -20.50
N THR B 149 23.00 15.97 -20.17
CA THR B 149 24.01 16.09 -19.09
C THR B 149 24.93 17.27 -19.43
N ARG B 150 25.39 17.36 -20.67
CA ARG B 150 26.30 18.46 -21.11
C ARG B 150 25.59 19.82 -20.95
N SER B 151 24.35 19.91 -21.39
CA SER B 151 23.54 21.16 -21.29
CA SER B 151 23.55 21.16 -21.29
CA SER B 151 23.54 21.16 -21.28
C SER B 151 23.42 21.56 -19.80
N LEU B 152 23.14 20.60 -18.95
CA LEU B 152 23.03 20.88 -17.48
C LEU B 152 24.40 21.33 -16.93
N ARG B 153 25.47 20.63 -17.27
CA ARG B 153 26.81 20.97 -16.74
C ARG B 153 27.16 22.41 -17.13
N GLU B 154 26.95 22.76 -18.39
CA GLU B 154 27.27 24.12 -18.89
C GLU B 154 26.41 25.14 -18.14
N ALA B 155 25.11 24.88 -18.01
CA ALA B 155 24.18 25.86 -17.40
C ALA B 155 24.54 26.03 -15.92
N LEU B 156 24.87 24.94 -15.24
CA LEU B 156 25.21 25.01 -13.79
C LEU B 156 26.57 25.69 -13.60
N ASP B 157 27.54 25.43 -14.49
CA ASP B 157 28.88 26.10 -14.40
C ASP B 157 28.67 27.61 -14.59
N THR B 158 27.90 28.00 -15.60
CA THR B 158 27.68 29.43 -15.92
C THR B 158 26.99 30.10 -14.72
N ALA B 159 25.91 29.50 -14.22
CA ALA B 159 25.17 30.06 -13.06
C ALA B 159 26.07 30.10 -11.82
N GLY B 160 26.84 29.04 -11.55
CA GLY B 160 27.72 29.05 -10.36
C GLY B 160 28.71 30.20 -10.40
N LYS B 161 29.30 30.44 -11.56
CA LYS B 161 30.27 31.56 -11.73
C LYS B 161 29.55 32.89 -11.42
N ALA B 162 28.32 33.05 -11.90
CA ALA B 162 27.53 34.29 -11.68
C ALA B 162 27.18 34.42 -10.20
N ASP B 163 27.02 33.29 -9.49
CA ASP B 163 26.46 33.28 -8.11
C ASP B 163 27.56 33.17 -7.07
N GLY B 164 28.81 32.90 -7.47
CA GLY B 164 29.91 32.67 -6.51
C GLY B 164 29.73 31.39 -5.73
N LYS B 165 29.15 30.37 -6.36
CA LYS B 165 28.82 29.06 -5.75
C LYS B 165 29.22 27.98 -6.75
N TYR B 166 29.52 26.78 -6.25
CA TYR B 166 29.63 25.59 -7.12
C TYR B 166 28.34 24.79 -7.00
N TYR B 167 27.72 24.50 -8.15
CA TYR B 167 26.51 23.67 -8.23
C TYR B 167 26.89 22.28 -8.75
N GLU B 168 26.55 21.25 -7.99
CA GLU B 168 26.85 19.85 -8.36
C GLU B 168 25.80 19.31 -9.33
N LEU B 169 26.22 18.33 -10.12
CA LEU B 169 25.35 17.60 -11.06
C LEU B 169 25.64 16.11 -10.86
N THR B 170 24.63 15.35 -10.49
CA THR B 170 24.79 13.90 -10.24
C THR B 170 23.67 13.16 -10.98
N THR B 171 23.73 11.84 -10.90
CA THR B 171 22.68 10.96 -11.47
C THR B 171 22.59 9.69 -10.66
N ALA B 172 21.40 9.09 -10.69
CA ALA B 172 21.16 7.71 -10.24
C ALA B 172 21.14 6.81 -11.47
N VAL B 173 21.89 5.70 -11.43
CA VAL B 173 21.98 4.78 -12.60
C VAL B 173 21.50 3.38 -12.17
N TRP B 174 20.92 2.66 -13.12
CA TRP B 174 20.34 1.33 -12.89
C TRP B 174 21.42 0.34 -12.42
N GLY B 175 21.09 -0.52 -11.46
CA GLY B 175 21.95 -1.68 -11.15
C GLY B 175 22.01 -2.70 -12.28
N ASN B 176 21.02 -2.69 -13.18
CA ASN B 176 20.99 -3.55 -14.38
C ASN B 176 21.94 -2.99 -15.43
N ASP B 177 22.87 -3.80 -15.93
CA ASP B 177 23.94 -3.34 -16.84
C ASP B 177 23.37 -3.01 -18.24
N LYS B 178 22.09 -3.28 -18.51
CA LYS B 178 21.40 -2.77 -19.74
C LYS B 178 21.61 -1.26 -19.83
N PHE B 179 21.61 -0.57 -18.69
CA PHE B 179 21.75 0.90 -18.65
C PHE B 179 23.04 1.31 -19.36
N ILE B 180 24.10 0.55 -19.15
CA ILE B 180 25.44 0.85 -19.74
C ILE B 180 25.37 0.65 -21.26
N ALA B 181 24.65 -0.36 -21.74
CA ALA B 181 24.46 -0.58 -23.20
C ALA B 181 23.70 0.57 -23.82
N ASN B 182 22.88 1.27 -23.03
CA ASN B 182 21.89 2.27 -23.50
C ASN B 182 22.33 3.70 -23.18
N THR B 183 23.58 3.89 -22.75
CA THR B 183 24.14 5.22 -22.40
C THR B 183 25.60 5.27 -22.82
N GLU B 184 26.22 6.43 -22.65
CA GLU B 184 27.65 6.66 -22.92
C GLU B 184 28.30 7.05 -21.58
N MET B 185 28.47 6.08 -20.69
CA MET B 185 28.89 6.39 -19.30
C MET B 185 30.30 6.99 -19.29
N ASP B 186 31.13 6.61 -20.26
CA ASP B 186 32.49 7.19 -20.40
C ASP B 186 32.40 8.70 -20.65
N LYS B 187 31.42 9.15 -21.41
CA LYS B 187 31.26 10.60 -21.73
C LYS B 187 30.61 11.31 -20.54
N VAL B 188 29.49 10.81 -20.03
CA VAL B 188 28.73 11.59 -19.00
C VAL B 188 29.52 11.63 -17.69
N SER B 189 30.37 10.65 -17.41
CA SER B 189 31.16 10.60 -16.14
CA SER B 189 31.13 10.61 -16.13
C SER B 189 32.11 11.80 -16.03
N ARG B 190 32.46 12.42 -17.17
CA ARG B 190 33.32 13.63 -17.14
C ARG B 190 32.53 14.83 -16.59
N ASP B 191 31.23 14.87 -16.84
CA ASP B 191 30.36 16.02 -16.46
C ASP B 191 29.76 15.80 -15.07
N PHE B 192 29.32 14.59 -14.74
CA PHE B 192 28.75 14.33 -13.40
C PHE B 192 29.84 14.47 -12.34
N ASP B 193 29.54 15.16 -11.24
CA ASP B 193 30.46 15.25 -10.09
C ASP B 193 30.61 13.86 -9.46
N PHE B 194 29.53 13.09 -9.44
CA PHE B 194 29.54 11.69 -8.99
C PHE B 194 28.27 11.01 -9.49
N ILE B 195 28.32 9.69 -9.47
CA ILE B 195 27.29 8.78 -10.05
CA ILE B 195 27.28 8.79 -10.05
C ILE B 195 26.88 7.81 -8.95
N ASN B 196 25.58 7.81 -8.63
CA ASN B 196 25.03 6.92 -7.58
C ASN B 196 24.48 5.66 -8.24
N VAL B 197 25.17 4.54 -8.07
CA VAL B 197 24.69 3.25 -8.63
C VAL B 197 23.58 2.72 -7.73
N MET B 198 22.39 2.51 -8.27
CA MET B 198 21.25 1.93 -7.50
C MET B 198 21.49 0.43 -7.41
N SER B 199 22.49 0.04 -6.61
CA SER B 199 22.92 -1.37 -6.45
C SER B 199 21.97 -2.10 -5.48
N TYR B 200 20.69 -2.12 -5.83
CA TYR B 200 19.57 -2.70 -5.05
C TYR B 200 18.42 -2.87 -6.04
N ASP B 201 17.27 -3.32 -5.56
CA ASP B 201 16.13 -3.71 -6.43
C ASP B 201 16.58 -4.78 -7.44
N PHE B 202 17.52 -5.63 -7.05
CA PHE B 202 17.95 -6.74 -7.94
C PHE B 202 16.87 -7.83 -7.96
N ASN B 203 16.13 -7.97 -6.86
CA ASN B 203 15.05 -8.96 -6.71
C ASN B 203 13.99 -8.36 -5.82
N GLY B 204 12.76 -8.82 -5.99
CA GLY B 204 11.59 -8.25 -5.30
C GLY B 204 10.35 -8.99 -5.73
N THR B 205 9.20 -8.54 -5.30
CA THR B 205 7.94 -9.31 -5.42
C THR B 205 7.37 -9.25 -6.83
N TRP B 206 8.00 -8.53 -7.75
CA TRP B 206 7.81 -8.72 -9.21
C TRP B 206 8.16 -10.17 -9.60
N ASN B 207 9.00 -10.85 -8.81
CA ASN B 207 9.28 -12.30 -8.97
C ASN B 207 8.35 -13.09 -8.05
N LYS B 208 7.88 -14.24 -8.49
CA LYS B 208 6.96 -15.09 -7.69
C LYS B 208 7.79 -15.88 -6.65
N PHE B 209 9.11 -15.93 -6.83
CA PHE B 209 10.06 -16.64 -5.94
C PHE B 209 10.90 -15.59 -5.21
N SER B 210 11.45 -16.01 -4.07
CA SER B 210 12.25 -15.11 -3.22
C SER B 210 13.68 -14.96 -3.76
N GLY B 211 14.36 -13.94 -3.26
CA GLY B 211 15.73 -13.60 -3.65
C GLY B 211 16.17 -12.39 -2.85
N HIS B 212 17.41 -11.98 -3.06
CA HIS B 212 18.04 -10.88 -2.28
C HIS B 212 17.91 -9.56 -3.03
N ASN B 213 17.50 -8.54 -2.29
CA ASN B 213 17.39 -7.17 -2.83
C ASN B 213 18.77 -6.68 -3.29
N ALA B 214 19.83 -6.97 -2.52
CA ALA B 214 21.16 -6.40 -2.77
C ALA B 214 22.25 -7.40 -2.38
N PRO B 215 22.28 -8.59 -3.02
CA PRO B 215 23.36 -9.53 -2.74
C PRO B 215 24.67 -8.88 -3.16
N PHE B 216 25.74 -9.15 -2.42
CA PHE B 216 27.05 -8.52 -2.66
C PHE B 216 27.67 -9.11 -3.92
N VAL B 217 27.63 -10.44 -4.06
CA VAL B 217 28.19 -11.13 -5.24
C VAL B 217 27.20 -12.18 -5.73
N ASN B 218 27.46 -12.69 -6.93
CA ASN B 218 26.62 -13.73 -7.54
C ASN B 218 26.63 -15.01 -6.68
N ASP B 219 25.44 -15.57 -6.47
CA ASP B 219 25.27 -16.92 -5.90
C ASP B 219 24.76 -17.84 -7.01
N PRO B 220 25.60 -18.72 -7.58
CA PRO B 220 25.15 -19.64 -8.63
C PRO B 220 23.97 -20.54 -8.26
N ALA B 221 23.68 -20.74 -6.97
CA ALA B 221 22.52 -21.54 -6.52
C ALA B 221 21.21 -20.84 -6.92
N TYR B 222 21.26 -19.53 -7.20
CA TYR B 222 20.08 -18.76 -7.64
C TYR B 222 20.09 -18.75 -9.17
N ASP B 223 19.23 -19.57 -9.76
CA ASP B 223 19.25 -19.80 -11.22
C ASP B 223 17.80 -19.76 -11.71
N LYS B 224 17.37 -18.59 -12.17
CA LYS B 224 15.95 -18.36 -12.54
C LYS B 224 15.91 -17.62 -13.86
N PRO B 225 14.84 -17.85 -14.68
CA PRO B 225 14.73 -17.21 -15.99
C PRO B 225 14.76 -15.68 -15.90
N GLY B 226 15.62 -15.05 -16.69
CA GLY B 226 15.74 -13.59 -16.78
C GLY B 226 16.47 -12.97 -15.59
N ILE B 227 16.83 -13.76 -14.56
CA ILE B 227 17.59 -13.24 -13.39
C ILE B 227 19.08 -13.34 -13.71
N GLY B 228 19.68 -12.23 -14.12
CA GLY B 228 21.07 -12.16 -14.60
C GLY B 228 22.09 -12.51 -13.53
N LYS B 229 23.20 -13.14 -13.93
CA LYS B 229 24.34 -13.44 -13.02
C LYS B 229 25.02 -12.13 -12.59
N THR B 230 24.68 -11.00 -13.21
CA THR B 230 25.25 -9.67 -12.85
C THR B 230 24.32 -8.92 -11.89
N PHE B 231 23.25 -9.54 -11.40
CA PHE B 231 22.26 -8.87 -10.51
C PHE B 231 22.80 -8.89 -9.07
N ASN B 232 23.91 -8.20 -8.86
CA ASN B 232 24.56 -8.13 -7.52
C ASN B 232 25.46 -6.90 -7.49
N VAL B 233 25.85 -6.49 -6.30
CA VAL B 233 26.55 -5.20 -6.09
C VAL B 233 27.89 -5.21 -6.82
N VAL B 234 28.73 -6.22 -6.61
CA VAL B 234 30.09 -6.22 -7.22
C VAL B 234 29.96 -6.22 -8.74
N SER B 235 29.09 -7.03 -9.34
CA SER B 235 28.94 -7.06 -10.81
C SER B 235 28.56 -5.67 -11.32
N ALA B 236 27.64 -4.99 -10.63
CA ALA B 236 27.18 -3.65 -11.05
C ALA B 236 28.34 -2.66 -10.95
N VAL B 237 29.05 -2.66 -9.83
CA VAL B 237 30.21 -1.73 -9.66
C VAL B 237 31.23 -2.01 -10.78
N GLU B 238 31.60 -3.27 -10.98
CA GLU B 238 32.63 -3.63 -11.98
C GLU B 238 32.15 -3.20 -13.37
N ALA B 239 30.86 -3.35 -13.66
CA ALA B 239 30.33 -2.98 -14.99
C ALA B 239 30.49 -1.46 -15.21
N TYR B 240 30.17 -0.64 -14.21
CA TYR B 240 30.30 0.84 -14.37
C TYR B 240 31.77 1.22 -14.47
N LEU B 241 32.64 0.56 -13.71
CA LEU B 241 34.10 0.86 -13.79
C LEU B 241 34.58 0.53 -15.21
N LYS B 242 34.20 -0.62 -15.76
CA LYS B 242 34.62 -1.05 -17.13
C LYS B 242 34.08 -0.05 -18.15
N ALA B 243 32.88 0.49 -17.93
CA ALA B 243 32.20 1.43 -18.86
C ALA B 243 32.87 2.82 -18.83
N GLY B 244 33.74 3.07 -17.84
CA GLY B 244 34.56 4.31 -17.80
C GLY B 244 34.18 5.26 -16.67
N VAL B 245 33.35 4.85 -15.72
CA VAL B 245 33.12 5.69 -14.51
C VAL B 245 34.36 5.61 -13.63
N PRO B 246 35.04 6.74 -13.32
CA PRO B 246 36.17 6.68 -12.39
C PRO B 246 35.72 6.15 -11.02
N ALA B 247 36.51 5.28 -10.41
CA ALA B 247 36.17 4.67 -9.11
C ALA B 247 35.81 5.75 -8.10
N ASP B 248 36.56 6.84 -8.06
CA ASP B 248 36.39 7.88 -7.02
C ASP B 248 35.07 8.65 -7.22
N LYS B 249 34.41 8.53 -8.38
CA LYS B 249 33.09 9.15 -8.65
C LYS B 249 31.95 8.14 -8.49
N LEU B 250 32.25 6.86 -8.26
CA LEU B 250 31.21 5.81 -8.27
C LEU B 250 30.75 5.55 -6.83
N VAL B 251 29.52 5.93 -6.54
CA VAL B 251 28.94 5.87 -5.17
C VAL B 251 28.01 4.65 -5.12
N VAL B 252 28.19 3.82 -4.10
CA VAL B 252 27.46 2.52 -4.00
C VAL B 252 26.15 2.72 -3.26
N GLY B 253 25.04 2.41 -3.93
CA GLY B 253 23.69 2.45 -3.36
C GLY B 253 23.44 1.33 -2.38
N VAL B 254 22.75 1.65 -1.28
CA VAL B 254 22.37 0.70 -0.18
C VAL B 254 20.90 0.92 0.10
N PRO B 255 20.10 -0.15 0.29
CA PRO B 255 18.69 -0.01 0.69
C PRO B 255 18.53 0.00 2.21
N LEU B 256 17.72 0.92 2.73
CA LEU B 256 17.38 0.93 4.19
C LEU B 256 15.97 0.37 4.38
N TYR B 257 15.40 -0.23 3.34
CA TYR B 257 14.12 -0.96 3.37
C TYR B 257 14.40 -2.43 3.06
N GLY B 258 13.40 -3.26 3.25
CA GLY B 258 13.44 -4.68 2.85
C GLY B 258 12.22 -5.01 2.03
N TYR B 259 12.26 -6.15 1.35
CA TYR B 259 11.06 -6.69 0.67
C TYR B 259 10.66 -7.99 1.35
N SER B 260 9.36 -8.28 1.32
CA SER B 260 8.83 -9.53 1.88
C SER B 260 7.89 -10.23 0.91
N TRP B 261 7.97 -11.54 0.94
CA TRP B 261 6.99 -12.47 0.33
C TRP B 261 6.29 -13.22 1.46
N LYS B 262 5.11 -13.76 1.18
CA LYS B 262 4.46 -14.72 2.11
C LYS B 262 4.38 -16.10 1.46
N GLY B 263 4.25 -17.14 2.28
CA GLY B 263 3.95 -18.49 1.77
C GLY B 263 5.06 -19.04 0.90
N CYS B 264 6.32 -18.69 1.20
CA CYS B 264 7.47 -19.32 0.51
C CYS B 264 7.65 -20.74 1.04
N ALA B 265 7.69 -21.72 0.13
CA ALA B 265 8.06 -23.11 0.48
C ALA B 265 9.43 -23.08 1.17
N ALA B 266 9.63 -23.87 2.23
CA ALA B 266 10.93 -23.93 2.91
C ALA B 266 11.97 -24.48 1.94
N GLY B 267 11.61 -25.50 1.16
CA GLY B 267 12.57 -26.28 0.37
C GLY B 267 13.75 -26.67 1.24
N GLU B 268 14.97 -26.58 0.72
CA GLU B 268 16.18 -27.00 1.46
C GLU B 268 16.89 -25.77 2.02
N ARG B 269 16.26 -24.60 1.99
CA ARG B 269 16.96 -23.29 2.05
C ARG B 269 16.26 -22.31 2.99
N ASN B 270 15.38 -22.76 3.88
CA ASN B 270 14.60 -21.83 4.75
C ASN B 270 13.97 -20.74 3.88
N GLY B 271 13.36 -21.14 2.77
CA GLY B 271 12.56 -20.24 1.91
C GLY B 271 13.37 -19.51 0.85
N GLU B 272 14.70 -19.58 0.89
CA GLU B 272 15.56 -18.79 -0.03
C GLU B 272 15.49 -19.35 -1.46
N TYR B 273 15.12 -18.49 -2.42
CA TYR B 273 15.00 -18.79 -3.87
C TYR B 273 13.83 -19.74 -4.14
N GLN B 274 12.91 -19.85 -3.19
CA GLN B 274 11.76 -20.77 -3.30
C GLN B 274 10.53 -20.04 -3.85
N ASP B 275 9.58 -20.82 -4.34
CA ASP B 275 8.30 -20.29 -4.86
C ASP B 275 7.46 -19.80 -3.68
N CYS B 276 6.87 -18.60 -3.84
CA CYS B 276 6.07 -17.95 -2.78
C CYS B 276 4.64 -17.66 -3.26
N ASN B 277 3.87 -17.03 -2.38
CA ASN B 277 2.42 -16.77 -2.57
C ASN B 277 2.14 -15.27 -2.42
N GLY B 278 2.96 -14.42 -3.02
CA GLY B 278 2.69 -12.97 -3.09
C GLY B 278 3.43 -12.22 -2.01
N LYS B 279 3.06 -10.95 -1.82
CA LYS B 279 3.73 -10.04 -0.87
C LYS B 279 3.51 -10.48 0.58
N GLY B 280 4.53 -10.27 1.40
CA GLY B 280 4.42 -10.48 2.86
C GLY B 280 4.09 -9.18 3.58
N ARG B 281 4.24 -9.19 4.91
CA ARG B 281 3.93 -8.00 5.71
C ARG B 281 4.85 -6.84 5.33
N GLY B 282 4.30 -5.63 5.40
CA GLY B 282 5.06 -4.40 5.15
C GLY B 282 4.79 -3.35 6.21
N THR B 283 5.48 -2.23 6.09
CA THR B 283 5.30 -1.11 7.06
C THR B 283 4.18 -0.20 6.55
N TRP B 284 4.45 0.54 5.48
CA TRP B 284 3.51 1.57 4.94
C TRP B 284 2.70 1.01 3.76
N GLU B 285 3.08 -0.17 3.28
CA GLU B 285 2.40 -0.91 2.20
C GLU B 285 2.85 -2.37 2.32
N ASP B 286 2.05 -3.30 1.83
CA ASP B 286 2.43 -4.73 1.82
C ASP B 286 3.76 -4.92 1.09
N GLY B 287 4.58 -5.86 1.59
CA GLY B 287 5.75 -6.34 0.85
C GLY B 287 6.97 -5.42 0.95
N ASN B 288 6.86 -4.29 1.65
CA ASN B 288 7.97 -3.32 1.75
C ASN B 288 8.09 -2.92 3.21
N LEU B 289 9.22 -3.23 3.84
CA LEU B 289 9.45 -2.99 5.28
C LEU B 289 10.50 -1.92 5.47
N ASP B 290 10.25 -0.98 6.38
CA ASP B 290 11.35 -0.13 6.87
C ASP B 290 12.34 -0.98 7.67
N PHE B 291 13.63 -0.69 7.60
CA PHE B 291 14.59 -1.34 8.51
C PHE B 291 14.10 -1.18 9.97
N THR B 292 13.56 -0.02 10.33
CA THR B 292 13.09 0.22 11.71
C THR B 292 12.15 -0.91 12.15
N ASP B 293 11.23 -1.26 11.24
CA ASP B 293 10.18 -2.27 11.49
C ASP B 293 10.83 -3.65 11.62
N ILE B 294 11.68 -4.00 10.69
CA ILE B 294 12.42 -5.30 10.77
C ILE B 294 13.12 -5.38 12.13
N GLU B 295 13.89 -4.35 12.47
CA GLU B 295 14.69 -4.34 13.72
C GLU B 295 13.78 -4.45 14.96
N LYS B 296 12.67 -3.71 14.99
CA LYS B 296 11.80 -3.69 16.19
C LYS B 296 11.03 -5.00 16.30
N ASN B 297 10.53 -5.49 15.18
CA ASN B 297 9.40 -6.46 15.15
C ASN B 297 9.83 -7.85 14.70
N LEU B 298 10.82 -7.99 13.82
CA LEU B 298 11.03 -9.26 13.07
C LEU B 298 12.40 -9.89 13.27
N LEU B 299 13.41 -9.15 13.70
CA LEU B 299 14.79 -9.67 13.76
C LEU B 299 14.87 -10.71 14.87
N ASN B 300 14.71 -11.99 14.53
CA ASN B 300 14.64 -13.11 15.50
C ASN B 300 13.44 -12.86 16.45
N LYS B 301 12.34 -12.39 15.89
CA LYS B 301 11.10 -12.05 16.66
C LYS B 301 9.88 -12.43 15.82
N LYS B 302 8.71 -12.56 16.46
CA LYS B 302 7.41 -12.83 15.80
CA LYS B 302 7.41 -12.83 15.80
C LYS B 302 7.54 -14.04 14.86
N GLY B 303 8.35 -15.02 15.23
CA GLY B 303 8.45 -16.30 14.49
C GLY B 303 9.38 -16.23 13.30
N PHE B 304 10.06 -15.10 13.08
CA PHE B 304 11.09 -14.96 12.02
C PHE B 304 12.45 -15.30 12.60
N LYS B 305 13.25 -16.06 11.86
CA LYS B 305 14.65 -16.35 12.21
C LYS B 305 15.57 -15.74 11.16
N ARG B 306 16.70 -15.21 11.60
CA ARG B 306 17.75 -14.65 10.72
C ARG B 306 18.67 -15.77 10.22
N TYR B 307 18.91 -15.75 8.91
CA TYR B 307 19.85 -16.65 8.23
C TYR B 307 20.85 -15.82 7.45
N TRP B 308 22.04 -16.37 7.28
CA TRP B 308 23.14 -15.74 6.52
C TRP B 308 23.50 -16.62 5.33
N ASN B 309 23.55 -16.03 4.14
CA ASN B 309 24.04 -16.69 2.92
C ASN B 309 25.47 -16.21 2.72
N ASP B 310 26.46 -17.07 2.99
CA ASP B 310 27.88 -16.65 2.96
C ASP B 310 28.43 -16.66 1.54
N THR B 311 27.65 -17.08 0.53
CA THR B 311 28.01 -16.98 -0.90
C THR B 311 27.63 -15.58 -1.40
N ALA B 312 26.35 -15.26 -1.31
CA ALA B 312 25.81 -13.93 -1.71
C ALA B 312 26.28 -12.82 -0.74
N LYS B 313 26.67 -13.18 0.49
CA LYS B 313 26.95 -12.26 1.61
C LYS B 313 25.73 -11.39 1.88
N ALA B 314 24.61 -12.04 2.20
CA ALA B 314 23.33 -11.35 2.46
C ALA B 314 22.59 -12.12 3.54
N ALA B 315 21.92 -11.39 4.41
CA ALA B 315 21.04 -11.97 5.45
C ALA B 315 19.61 -11.96 4.96
N TYR B 316 18.82 -12.87 5.49
CA TYR B 316 17.37 -12.91 5.23
C TYR B 316 16.67 -13.41 6.49
N LEU B 317 15.37 -13.12 6.58
CA LEU B 317 14.52 -13.68 7.65
C LEU B 317 13.55 -14.68 7.02
N TYR B 318 13.26 -15.75 7.74
CA TYR B 318 12.23 -16.71 7.32
C TYR B 318 11.36 -17.05 8.52
N ASN B 319 10.06 -16.99 8.31
CA ASN B 319 9.04 -17.42 9.31
C ASN B 319 8.53 -18.78 8.85
N ALA B 320 8.91 -19.85 9.55
CA ALA B 320 8.56 -21.22 9.12
C ALA B 320 7.05 -21.43 9.18
N GLU B 321 6.33 -20.73 10.06
CA GLU B 321 4.86 -20.90 10.19
C GLU B 321 4.16 -20.31 8.95
N THR B 322 4.43 -19.05 8.61
CA THR B 322 3.72 -18.33 7.53
C THR B 322 4.42 -18.51 6.19
N GLY B 323 5.67 -18.97 6.20
CA GLY B 323 6.51 -18.96 4.98
C GLY B 323 6.93 -17.57 4.56
N GLU B 324 6.74 -16.55 5.39
CA GLU B 324 7.21 -15.20 5.02
C GLU B 324 8.74 -15.18 4.95
N PHE B 325 9.24 -14.53 3.92
CA PHE B 325 10.68 -14.38 3.63
C PHE B 325 10.95 -12.88 3.52
N VAL B 326 11.95 -12.40 4.24
CA VAL B 326 12.34 -10.97 4.18
C VAL B 326 13.78 -10.87 3.69
N THR B 327 13.97 -10.10 2.63
CA THR B 327 15.31 -9.64 2.20
C THR B 327 15.49 -8.21 2.75
N TYR B 328 16.63 -7.96 3.38
CA TYR B 328 16.89 -6.63 3.98
C TYR B 328 18.41 -6.49 4.07
N GLU B 329 18.86 -5.27 4.39
CA GLU B 329 20.29 -4.98 4.54
C GLU B 329 20.70 -5.16 6.00
N ASP B 330 21.38 -6.27 6.28
CA ASP B 330 21.86 -6.55 7.64
C ASP B 330 23.21 -5.86 7.84
N PRO B 331 23.52 -5.36 9.05
CA PRO B 331 24.84 -4.78 9.32
C PRO B 331 26.02 -5.65 8.87
N GLN B 332 25.89 -6.98 8.91
CA GLN B 332 27.01 -7.86 8.49
C GLN B 332 27.29 -7.64 7.00
N ALA B 333 26.24 -7.54 6.18
CA ALA B 333 26.40 -7.31 4.73
C ALA B 333 26.88 -5.88 4.49
N LEU B 334 26.30 -4.91 5.21
CA LEU B 334 26.65 -3.50 4.99
C LEU B 334 28.12 -3.27 5.33
N LYS B 335 28.63 -3.90 6.39
CA LYS B 335 30.06 -3.74 6.75
C LYS B 335 30.93 -4.23 5.58
N ILE B 336 30.58 -5.37 4.97
CA ILE B 336 31.32 -5.91 3.79
C ILE B 336 31.31 -4.87 2.66
N LYS B 337 30.18 -4.23 2.40
CA LYS B 337 30.09 -3.23 1.32
C LYS B 337 30.92 -1.99 1.66
N LEU B 338 30.92 -1.56 2.92
CA LEU B 338 31.70 -0.37 3.32
C LEU B 338 33.20 -0.68 3.19
N ASP B 339 33.60 -1.90 3.57
CA ASP B 339 35.01 -2.32 3.43
C ASP B 339 35.37 -2.33 1.95
N TYR B 340 34.44 -2.74 1.09
CA TYR B 340 34.63 -2.81 -0.38
C TYR B 340 34.79 -1.41 -0.96
N ILE B 341 33.97 -0.46 -0.52
CA ILE B 341 34.11 0.97 -0.95
C ILE B 341 35.54 1.43 -0.68
N LYS B 342 36.05 1.14 0.51
CA LYS B 342 37.40 1.62 0.89
C LYS B 342 38.48 0.83 0.13
N SER B 343 38.35 -0.48 0.01
CA SER B 343 39.41 -1.30 -0.62
C SER B 343 39.50 -1.00 -2.13
N LYS B 344 38.40 -0.61 -2.76
CA LYS B 344 38.32 -0.37 -4.23
C LYS B 344 38.54 1.10 -4.57
N GLY B 345 38.52 1.99 -3.57
CA GLY B 345 38.65 3.44 -3.81
C GLY B 345 37.41 4.04 -4.46
N LEU B 346 36.24 3.57 -4.06
CA LEU B 346 34.97 4.09 -4.62
C LEU B 346 34.62 5.43 -3.96
N GLY B 347 33.54 6.04 -4.44
CA GLY B 347 33.22 7.43 -4.13
C GLY B 347 32.48 7.61 -2.82
N GLY B 348 32.01 6.52 -2.23
CA GLY B 348 31.25 6.54 -0.96
C GLY B 348 30.00 5.69 -1.08
N ALA B 349 28.99 6.01 -0.26
CA ALA B 349 27.71 5.27 -0.24
C ALA B 349 26.54 6.22 -0.43
N MET B 350 25.49 5.70 -1.05
CA MET B 350 24.19 6.38 -1.20
C MET B 350 23.14 5.46 -0.58
N TYR B 351 22.07 6.01 -0.02
CA TYR B 351 21.00 5.11 0.43
C TYR B 351 19.61 5.70 0.24
N TRP B 352 18.72 4.76 -0.04
CA TRP B 352 17.26 4.97 -0.13
C TRP B 352 16.63 4.23 1.05
N GLU B 353 16.04 4.93 2.03
CA GLU B 353 16.00 6.38 2.20
C GLU B 353 16.04 6.61 3.72
N ILE B 354 16.37 7.82 4.15
CA ILE B 354 16.82 8.07 5.55
C ILE B 354 15.67 7.85 6.54
N THR B 355 14.41 7.97 6.15
CA THR B 355 13.30 7.83 7.12
C THR B 355 13.14 6.35 7.52
N ALA B 356 13.72 5.41 6.79
CA ALA B 356 13.41 3.98 6.95
C ALA B 356 14.25 3.35 8.08
N ASP B 357 15.12 4.11 8.75
CA ASP B 357 16.02 3.60 9.82
C ASP B 357 16.01 4.59 10.99
N ARG B 358 14.97 4.56 11.82
CA ARG B 358 14.80 5.61 12.86
C ARG B 358 15.87 5.54 13.96
N LYS B 359 16.37 4.33 14.29
CA LYS B 359 17.44 4.20 15.31
C LYS B 359 18.81 4.45 14.68
N GLN B 360 18.87 4.70 13.36
CA GLN B 360 20.12 4.99 12.63
C GLN B 360 21.11 3.82 12.79
N THR B 361 20.61 2.59 12.86
CA THR B 361 21.50 1.40 12.97
C THR B 361 22.38 1.32 11.72
N LEU B 362 21.80 1.44 10.54
CA LEU B 362 22.57 1.40 9.27
C LEU B 362 23.18 2.77 8.97
N VAL B 363 22.42 3.84 9.20
CA VAL B 363 22.90 5.23 9.00
C VAL B 363 24.20 5.45 9.79
N ASN B 364 24.24 5.01 11.04
CA ASN B 364 25.42 5.28 11.90
C ASN B 364 26.61 4.43 11.44
N LEU B 365 26.37 3.20 11.01
CA LEU B 365 27.46 2.31 10.54
C LEU B 365 28.11 2.95 9.31
N ILE B 366 27.29 3.43 8.37
CA ILE B 366 27.83 4.06 7.14
C ILE B 366 28.68 5.29 7.51
N ALA B 367 28.14 6.15 8.39
CA ALA B 367 28.85 7.37 8.80
C ALA B 367 30.15 6.99 9.53
N ASP B 368 30.08 6.00 10.42
CA ASP B 368 31.28 5.63 11.21
C ASP B 368 32.39 5.13 10.28
N GLU B 369 32.03 4.36 9.26
CA GLU B 369 33.07 3.77 8.36
C GLU B 369 33.61 4.81 7.37
N LEU B 370 32.78 5.73 6.87
CA LEU B 370 33.16 6.57 5.70
C LEU B 370 33.48 8.02 6.09
N LEU B 371 32.98 8.52 7.21
CA LEU B 371 33.18 9.95 7.58
C LEU B 371 34.21 10.05 8.72
N THR B 372 34.91 11.19 8.80
CA THR B 372 36.04 11.41 9.76
C THR B 372 35.75 12.66 10.60
#